data_3I7O
#
_entry.id   3I7O
#
_cell.length_a   63.759
_cell.length_b   131.940
_cell.length_c   181.271
_cell.angle_alpha   90.00
_cell.angle_beta   90.00
_cell.angle_gamma   90.00
#
_symmetry.space_group_name_H-M   'P 21 21 21'
#
loop_
_entity.id
_entity.type
_entity.pdbx_description
1 polymer 'DNA damage-binding protein 1'
2 polymer 'IQ motif and WD repeat-containing protein 1'
#
loop_
_entity_poly.entity_id
_entity_poly.type
_entity_poly.pdbx_seq_one_letter_code
_entity_poly.pdbx_strand_id
1 'polypeptide(L)'
;GSHMSYNYVVTAQKPTAVNGCVTGHFTSAEDLNLLIAKNTRLEIYVVTAEGLRPVKEVGMYGKIAVMELFRPKGESKDLL
FILTAKYNACILEYKQSGESIDIITRAHGNVQDRIGRPSETGIIGIIDPECRMIGLRLYDGLFKVIPLDRDNKELKAFNI
RLEELHVIDVKFLYGCQAPTICFVYQDPQGRHVKTYEVSLREKEFNKGPWKQENVEAEASMVIAVPEPFGGAIIIGQESI
TYHNGDKYLAIAPPIIKQSTIVCHNRVDPNGSRYLLGDMEGRLFMLLLEKEEQMDGTVTLKDLRVELLGETSIAECLTYL
DNGVVFVGSRLGDSQLVKLNVDSNEQGSYVVAMETFTNLGPIVDMCVVDLERQGQGQLVTCSGAFKEGSLRIIRNGIGIH
EHASIDLPGIKGLWPLRSDPNRETYDTLVLSFVGQTRVLMLNGEEVEETELMGFVDDQQTFFCGNVAHQQLIQITSASVR
LVSQEPKALVSEWKEPQAKNISVASCNSSQVVVAVGRALYYLQIHPQELRQISHTEMEHEVACLDITPLGDSNGLSPLCA
IGLWTDISARILKLPSFELLHKEMLGGEIIPRSILMTTFESSHYLLCALGDGALFYFGLNIETGLLSDRKKVTLGTQPTV
LRTFRSLSTTNVFACSDRPTVIYSSNHKLVFSNVNLKEVNYMCPLNSDGYPDSLALANNSTLTIGTIDEIQKLHIRTVPL
YESPRKICYQEVSQCFGVLSSRIEVQDTSGGTTALRPSASTQALSSSVSSSKLFSSSTAPHETSFGEEVEVHNLLIIDQH
TFEVLHAHQFLQNEYALSLVSCKLGKDPNTYFIVGTAMVYPEEAEPKQGRIVVFQYSDGKLQTVAEKEVKGAVYSMVEFN
GKLLASINSTVRLYEWTTEKDVRTECNHYNNIMALYLKTKGDFILVGDLMRSVLLLAYKPMEGNFEEIARDFNPNWMSAV
EILDDDNFLGAENAFNLFVCQKDSAATTDEERQHLQEVGLFHLGEFVNVFCHGSLVMQNLGETSTPTQGSVLFGTVNGMI
GLVTSLSESWYNLLLDMQNRLNKVIKSVGKIEHSFWRSFHTERKTEPATGFIDGDLIESFLDISRPKMQEVVANLQYDDG
SGMKREATADDLIKVVEELTRIH
;
A
2 'polypeptide(L)' HLLWDVRKRSLGL B
#
# COMPACT_ATOMS: atom_id res chain seq x y z
N MET A 4 5.43 5.83 31.64
CA MET A 4 6.23 6.67 30.71
C MET A 4 6.93 5.93 29.51
N SER A 5 6.10 5.33 28.65
CA SER A 5 6.52 4.83 27.33
C SER A 5 6.08 5.82 26.29
N TYR A 6 6.92 6.07 25.29
CA TYR A 6 6.58 7.06 24.26
C TYR A 6 6.85 6.59 22.82
N ASN A 7 5.78 6.38 22.05
CA ASN A 7 5.94 5.89 20.69
C ASN A 7 5.18 6.60 19.63
N TYR A 8 5.65 6.34 18.42
CA TYR A 8 5.16 6.92 17.22
C TYR A 8 4.86 5.75 16.32
N VAL A 9 3.72 5.81 15.62
CA VAL A 9 3.29 4.82 14.65
C VAL A 9 2.92 5.58 13.42
N VAL A 10 3.35 5.08 12.27
CA VAL A 10 2.95 5.63 10.97
C VAL A 10 2.78 4.53 9.95
N THR A 11 1.86 4.76 9.01
CA THR A 11 1.76 3.94 7.83
C THR A 11 3.02 4.16 6.96
N ALA A 12 3.55 3.05 6.46
CA ALA A 12 4.58 3.07 5.42
C ALA A 12 3.94 2.74 4.10
N GLN A 13 2.91 1.91 4.16
CA GLN A 13 2.10 1.57 3.01
C GLN A 13 0.72 1.38 3.51
N LYS A 14 -0.26 2.01 2.86
CA LYS A 14 -1.63 1.85 3.32
C LYS A 14 -2.06 0.39 3.13
N PRO A 15 -3.10 -0.05 3.87
CA PRO A 15 -3.71 -1.34 3.55
C PRO A 15 -4.02 -1.51 2.05
N THR A 16 -3.78 -2.67 1.49
CA THR A 16 -4.00 -2.89 0.07
C THR A 16 -5.10 -3.90 -0.13
N ALA A 17 -5.38 -4.68 0.90
CA ALA A 17 -6.51 -5.58 0.85
C ALA A 17 -7.81 -4.84 0.70
N VAL A 18 -8.67 -5.38 -0.11
CA VAL A 18 -9.92 -4.73 -0.39
C VAL A 18 -10.97 -5.39 0.45
N ASN A 19 -11.59 -4.56 1.28
CA ASN A 19 -12.46 -5.10 2.28
C ASN A 19 -13.90 -5.05 1.82
N GLY A 20 -14.26 -4.05 1.06
CA GLY A 20 -15.59 -3.99 0.48
C GLY A 20 -15.60 -3.10 -0.72
N CYS A 21 -16.64 -3.18 -1.53
CA CYS A 21 -16.69 -2.32 -2.70
C CYS A 21 -18.10 -2.25 -3.18
N VAL A 22 -18.43 -1.23 -3.95
CA VAL A 22 -19.82 -0.92 -4.18
C VAL A 22 -19.83 0.02 -5.39
N THR A 23 -20.98 0.04 -6.06
CA THR A 23 -21.18 0.69 -7.32
C THR A 23 -22.46 1.53 -7.35
N GLY A 24 -22.43 2.61 -8.11
CA GLY A 24 -23.62 3.46 -8.24
C GLY A 24 -23.22 4.86 -8.60
N HIS A 25 -24.10 5.80 -8.33
CA HIS A 25 -23.91 7.19 -8.74
C HIS A 25 -23.90 8.10 -7.55
N PHE A 26 -22.70 8.39 -7.08
CA PHE A 26 -22.45 9.05 -5.80
C PHE A 26 -21.77 10.38 -6.13
N THR A 27 -21.00 10.33 -7.21
CA THR A 27 -20.41 11.51 -7.86
C THR A 27 -21.47 12.42 -8.57
N SER A 28 -22.29 11.84 -9.46
CA SER A 28 -23.34 12.54 -10.20
C SER A 28 -24.45 11.55 -10.48
N ALA A 29 -25.62 12.05 -10.87
CA ALA A 29 -26.75 11.18 -11.18
C ALA A 29 -26.41 10.36 -12.41
N GLU A 30 -25.64 10.95 -13.31
CA GLU A 30 -25.25 10.27 -14.54
C GLU A 30 -23.77 9.95 -14.62
N ASP A 31 -23.27 9.18 -13.65
CA ASP A 31 -21.86 8.82 -13.62
C ASP A 31 -21.59 7.61 -12.73
N LEU A 32 -21.10 6.52 -13.34
CA LEU A 32 -20.77 5.32 -12.59
C LEU A 32 -19.55 5.16 -11.68
N ASN A 33 -19.77 5.26 -10.38
CA ASN A 33 -18.69 5.16 -9.40
C ASN A 33 -18.52 3.75 -8.87
N LEU A 34 -17.27 3.34 -8.71
CA LEU A 34 -16.97 2.24 -7.82
C LEU A 34 -16.29 2.84 -6.57
N LEU A 35 -16.84 2.46 -5.42
CA LEU A 35 -16.27 2.80 -4.10
C LEU A 35 -15.65 1.54 -3.55
N ILE A 36 -14.34 1.60 -3.29
CA ILE A 36 -13.60 0.47 -2.76
C ILE A 36 -13.20 0.80 -1.36
N ALA A 37 -13.68 0.00 -0.41
CA ALA A 37 -13.27 0.17 0.99
C ALA A 37 -12.07 -0.70 1.24
N LYS A 38 -10.93 -0.09 1.57
CA LYS A 38 -9.83 -0.80 2.18
C LYS A 38 -10.11 -0.94 3.69
N ASN A 39 -9.31 -0.40 4.57
CA ASN A 39 -9.72 -0.71 5.92
C ASN A 39 -10.28 0.58 6.41
N THR A 40 -9.39 1.54 6.50
CA THR A 40 -9.71 2.87 6.98
C THR A 40 -9.57 3.86 5.82
N ARG A 41 -9.91 3.41 4.62
CA ARG A 41 -9.74 4.19 3.44
C ARG A 41 -10.96 3.95 2.56
N LEU A 42 -11.59 5.03 2.07
CA LEU A 42 -12.59 4.91 1.04
C LEU A 42 -11.95 5.35 -0.28
N GLU A 43 -12.09 4.58 -1.35
CA GLU A 43 -11.53 4.97 -2.67
C GLU A 43 -12.67 5.17 -3.62
N ILE A 44 -12.59 6.26 -4.35
CA ILE A 44 -13.68 6.69 -5.21
C ILE A 44 -13.19 6.79 -6.66
N TYR A 45 -13.90 6.10 -7.54
CA TYR A 45 -13.51 5.97 -8.90
C TYR A 45 -14.65 6.33 -9.82
N VAL A 46 -14.35 6.91 -10.97
CA VAL A 46 -15.36 6.84 -12.00
C VAL A 46 -14.91 5.74 -12.93
N VAL A 47 -15.87 4.86 -13.20
CA VAL A 47 -15.75 3.87 -14.24
C VAL A 47 -15.79 4.55 -15.60
N THR A 48 -14.76 4.30 -16.38
CA THR A 48 -14.66 4.83 -17.73
C THR A 48 -14.46 3.66 -18.68
N ALA A 49 -14.67 3.93 -19.97
CA ALA A 49 -14.23 3.05 -21.06
C ALA A 49 -12.88 2.35 -20.80
N GLU A 50 -11.89 3.10 -20.32
CA GLU A 50 -10.58 2.53 -19.97
C GLU A 50 -10.70 1.63 -18.75
N GLY A 51 -11.39 2.15 -17.73
CA GLY A 51 -11.50 1.52 -16.43
C GLY A 51 -11.63 2.59 -15.37
N LEU A 52 -10.80 2.52 -14.35
CA LEU A 52 -11.00 3.38 -13.19
C LEU A 52 -10.32 4.77 -13.27
N ARG A 53 -11.13 5.82 -13.18
CA ARG A 53 -10.63 7.18 -13.00
C ARG A 53 -10.80 7.43 -11.53
N PRO A 54 -9.69 7.52 -10.77
CA PRO A 54 -9.63 7.91 -9.36
C PRO A 54 -10.15 9.31 -9.15
N VAL A 55 -10.96 9.46 -8.12
CA VAL A 55 -11.59 10.73 -7.91
C VAL A 55 -11.36 11.25 -6.51
N LYS A 56 -11.24 10.35 -5.53
CA LYS A 56 -11.14 10.74 -4.12
C LYS A 56 -10.67 9.57 -3.28
N GLU A 57 -9.76 9.85 -2.37
CA GLU A 57 -9.25 8.82 -1.48
C GLU A 57 -9.24 9.43 -0.10
N VAL A 58 -10.40 9.35 0.54
CA VAL A 58 -10.53 9.75 1.93
C VAL A 58 -10.24 8.60 2.88
N GLY A 59 -9.72 8.95 4.07
CA GLY A 59 -9.67 8.03 5.23
C GLY A 59 -10.84 8.21 6.21
N MET A 60 -11.11 7.21 7.03
CA MET A 60 -12.01 7.40 8.17
C MET A 60 -11.37 6.99 9.47
N TYR A 61 -11.98 7.41 10.57
CA TYR A 61 -11.44 7.08 11.87
C TYR A 61 -12.05 5.80 12.39
N GLY A 62 -11.89 4.74 11.61
CA GLY A 62 -12.65 3.50 11.79
C GLY A 62 -12.45 2.45 10.70
N LYS A 63 -12.70 1.21 11.07
CA LYS A 63 -12.65 0.15 10.12
C LYS A 63 -14.03 0.17 9.52
N ILE A 64 -14.15 0.47 8.23
CA ILE A 64 -15.46 0.40 7.54
C ILE A 64 -16.02 -1.04 7.59
N ALA A 65 -17.20 -1.22 8.19
CA ALA A 65 -17.84 -2.51 8.30
C ALA A 65 -19.01 -2.57 7.38
N VAL A 66 -19.58 -1.43 7.05
CA VAL A 66 -20.74 -1.40 6.20
C VAL A 66 -20.60 -0.27 5.22
N MET A 67 -20.82 -0.56 3.94
CA MET A 67 -20.72 0.43 2.92
C MET A 67 -21.80 0.21 1.86
N GLU A 68 -22.83 1.05 1.92
CA GLU A 68 -23.89 0.95 0.96
C GLU A 68 -24.24 2.30 0.37
N LEU A 69 -24.53 2.34 -0.92
CA LEU A 69 -25.06 3.54 -1.51
C LEU A 69 -26.57 3.50 -1.51
N PHE A 70 -27.21 4.64 -1.33
CA PHE A 70 -28.67 4.68 -1.37
C PHE A 70 -29.15 6.09 -1.71
N ARG A 71 -30.45 6.18 -2.00
CA ARG A 71 -31.06 7.42 -2.46
C ARG A 71 -32.54 7.39 -2.09
N PRO A 72 -32.96 8.28 -1.18
CA PRO A 72 -34.38 8.42 -0.89
C PRO A 72 -35.06 9.38 -1.86
N LYS A 73 -36.31 9.74 -1.54
CA LYS A 73 -37.11 10.68 -2.35
C LYS A 73 -36.53 12.09 -2.33
N GLY A 74 -36.71 12.80 -3.44
CA GLY A 74 -36.25 14.17 -3.60
C GLY A 74 -34.74 14.27 -3.53
N GLU A 75 -34.06 13.23 -4.00
CA GLU A 75 -32.58 13.18 -3.92
C GLU A 75 -31.90 13.12 -5.29
N SER A 76 -30.99 14.05 -5.51
CA SER A 76 -30.35 14.18 -6.81
C SER A 76 -29.47 12.99 -7.11
N LYS A 77 -28.62 12.60 -6.16
CA LYS A 77 -27.66 11.50 -6.33
C LYS A 77 -27.54 10.64 -5.06
N ASP A 78 -26.96 9.45 -5.23
CA ASP A 78 -26.85 8.45 -4.15
C ASP A 78 -26.05 8.97 -2.96
N LEU A 79 -26.68 8.98 -1.79
CA LEU A 79 -25.95 9.13 -0.52
C LEU A 79 -25.19 7.83 -0.12
N LEU A 80 -24.16 7.95 0.70
CA LEU A 80 -23.45 6.76 1.16
C LEU A 80 -23.62 6.59 2.63
N PHE A 81 -23.98 5.39 3.04
CA PHE A 81 -24.07 5.02 4.44
C PHE A 81 -22.86 4.24 4.89
N ILE A 82 -22.32 4.63 6.03
CA ILE A 82 -21.19 3.93 6.57
C ILE A 82 -21.36 3.65 8.04
N LEU A 83 -21.20 2.39 8.36
CA LEU A 83 -21.05 1.94 9.70
C LEU A 83 -19.65 1.49 9.84
N THR A 84 -18.97 2.05 10.82
CA THR A 84 -17.72 1.57 11.31
C THR A 84 -17.80 0.37 12.24
N ALA A 85 -16.65 -0.25 12.47
CA ALA A 85 -16.55 -1.37 13.41
C ALA A 85 -16.70 -0.91 14.88
N LYS A 86 -16.29 0.28 15.24
CA LYS A 86 -16.55 0.76 16.59
C LYS A 86 -17.94 1.36 16.66
N TYR A 87 -18.74 1.08 15.64
CA TYR A 87 -20.19 1.28 15.66
C TYR A 87 -20.58 2.68 15.34
N ASN A 88 -19.63 3.44 14.80
CA ASN A 88 -19.85 4.78 14.30
C ASN A 88 -20.66 4.64 13.02
N ALA A 89 -21.89 5.16 13.03
CA ALA A 89 -22.63 5.23 11.79
C ALA A 89 -22.55 6.64 11.26
N CYS A 90 -22.59 6.77 9.95
CA CYS A 90 -22.64 8.07 9.31
C CYS A 90 -23.28 7.99 7.92
N ILE A 91 -23.69 9.14 7.40
CA ILE A 91 -24.19 9.22 6.05
C ILE A 91 -23.44 10.27 5.30
N LEU A 92 -22.94 9.88 4.13
CA LEU A 92 -21.97 10.67 3.41
C LEU A 92 -22.53 11.14 2.06
N GLU A 93 -22.05 12.28 1.61
CA GLU A 93 -22.54 12.92 0.41
C GLU A 93 -21.37 13.46 -0.34
N TYR A 94 -21.30 13.14 -1.62
CA TYR A 94 -20.20 13.60 -2.42
C TYR A 94 -20.49 14.99 -2.91
N LYS A 95 -19.61 15.89 -2.55
CA LYS A 95 -19.80 17.30 -2.87
C LYS A 95 -18.56 17.87 -3.52
N GLN A 96 -18.76 18.62 -4.58
CA GLN A 96 -17.67 19.28 -5.25
C GLN A 96 -17.95 20.79 -5.40
N SER A 97 -16.96 21.60 -5.03
CA SER A 97 -17.05 23.02 -5.24
C SER A 97 -16.32 23.38 -6.54
N GLY A 98 -16.84 22.85 -7.65
CA GLY A 98 -16.21 23.03 -8.96
C GLY A 98 -14.85 22.34 -9.09
N GLU A 99 -13.83 22.93 -8.48
CA GLU A 99 -12.49 22.34 -8.47
C GLU A 99 -12.14 21.64 -7.12
N SER A 100 -12.89 21.94 -6.06
CA SER A 100 -12.62 21.32 -4.75
C SER A 100 -13.62 20.25 -4.41
N ILE A 101 -13.10 19.12 -3.98
CA ILE A 101 -13.92 17.94 -3.70
C ILE A 101 -13.95 17.72 -2.21
N ASP A 102 -15.17 17.57 -1.69
CA ASP A 102 -15.37 17.35 -0.27
C ASP A 102 -16.47 16.33 -0.01
N ILE A 103 -16.18 15.34 0.83
CA ILE A 103 -17.18 14.38 1.27
C ILE A 103 -17.79 14.86 2.56
N ILE A 104 -19.13 14.95 2.57
CA ILE A 104 -19.84 15.65 3.64
C ILE A 104 -20.58 14.68 4.56
N THR A 105 -20.68 15.03 5.83
CA THR A 105 -21.45 14.21 6.77
C THR A 105 -22.81 14.81 7.07
N ARG A 106 -23.82 14.15 6.50
CA ARG A 106 -25.21 14.53 6.55
C ARG A 106 -25.82 14.10 7.83
N ALA A 107 -25.20 13.07 8.43
CA ALA A 107 -25.61 12.56 9.73
C ALA A 107 -24.59 11.64 10.29
N HIS A 108 -24.71 11.42 11.58
CA HIS A 108 -23.87 10.51 12.31
C HIS A 108 -24.40 10.27 13.75
N GLY A 109 -23.86 9.24 14.37
CA GLY A 109 -24.31 8.85 15.66
C GLY A 109 -23.56 7.58 15.90
N ASN A 110 -23.30 7.28 17.15
CA ASN A 110 -22.76 6.00 17.43
C ASN A 110 -23.87 5.07 17.81
N VAL A 111 -23.89 3.91 17.17
CA VAL A 111 -24.95 2.93 17.40
C VAL A 111 -24.64 1.70 18.25
N GLN A 112 -23.45 1.62 18.83
CA GLN A 112 -23.24 0.56 19.79
C GLN A 112 -24.25 0.66 20.95
N ASP A 113 -24.67 -0.49 21.47
CA ASP A 113 -25.57 -0.54 22.61
C ASP A 113 -24.73 -1.10 23.72
N ARG A 114 -24.83 -0.56 24.95
CA ARG A 114 -24.05 -1.07 26.10
C ARG A 114 -24.39 -2.55 26.34
N ILE A 115 -25.66 -2.85 26.08
CA ILE A 115 -26.19 -4.20 26.08
C ILE A 115 -25.74 -4.93 24.82
N GLY A 116 -25.96 -6.24 24.76
CA GLY A 116 -25.76 -6.97 23.51
C GLY A 116 -24.37 -7.55 23.29
N ARG A 117 -24.36 -8.82 22.86
CA ARG A 117 -23.16 -9.53 22.43
C ARG A 117 -23.07 -9.45 20.89
N PRO A 118 -21.88 -9.18 20.34
CA PRO A 118 -21.79 -9.07 18.87
C PRO A 118 -21.86 -10.45 18.27
N SER A 119 -22.77 -10.62 17.32
CA SER A 119 -23.19 -11.94 16.87
C SER A 119 -22.11 -12.72 16.11
N GLU A 120 -22.38 -13.99 15.85
CA GLU A 120 -21.57 -14.80 14.96
C GLU A 120 -21.87 -14.36 13.53
N THR A 121 -20.82 -14.13 12.74
CA THR A 121 -20.95 -13.68 11.34
C THR A 121 -20.78 -12.18 11.16
N GLY A 122 -20.46 -11.50 12.26
CA GLY A 122 -20.19 -10.07 12.27
C GLY A 122 -21.32 -9.08 12.00
N ILE A 123 -20.94 -7.82 11.86
CA ILE A 123 -21.89 -6.73 11.57
C ILE A 123 -22.49 -6.95 10.21
N ILE A 124 -23.75 -6.51 10.06
CA ILE A 124 -24.47 -6.50 8.78
C ILE A 124 -25.42 -5.35 8.91
N GLY A 125 -25.32 -4.40 8.00
CA GLY A 125 -26.24 -3.30 7.98
C GLY A 125 -27.00 -3.50 6.72
N ILE A 126 -28.21 -2.97 6.63
CA ILE A 126 -28.93 -3.01 5.36
C ILE A 126 -29.90 -1.86 5.14
N ILE A 127 -30.36 -1.73 3.90
CA ILE A 127 -31.21 -0.63 3.51
C ILE A 127 -32.40 -0.98 2.61
N ASP A 128 -33.58 -0.58 3.07
CA ASP A 128 -34.82 -0.91 2.35
C ASP A 128 -34.85 -0.20 1.00
N PRO A 129 -35.33 -0.89 -0.05
CA PRO A 129 -35.57 -0.37 -1.39
C PRO A 129 -36.19 1.03 -1.43
N GLU A 130 -37.27 1.24 -0.67
CA GLU A 130 -37.93 2.55 -0.64
C GLU A 130 -37.13 3.61 0.14
N CYS A 131 -36.07 3.16 0.82
CA CYS A 131 -35.22 4.01 1.67
C CYS A 131 -35.97 4.63 2.83
N ARG A 132 -36.92 3.90 3.41
CA ARG A 132 -37.59 4.39 4.61
C ARG A 132 -36.59 4.35 5.77
N MET A 133 -35.64 3.42 5.69
CA MET A 133 -34.76 3.14 6.83
C MET A 133 -33.45 2.37 6.56
N ILE A 134 -32.74 2.14 7.65
CA ILE A 134 -31.55 1.33 7.69
C ILE A 134 -31.71 0.29 8.79
N GLY A 135 -31.56 -0.96 8.41
CA GLY A 135 -31.63 -2.03 9.37
C GLY A 135 -30.24 -2.54 9.63
N LEU A 136 -29.94 -2.78 10.91
CA LEU A 136 -28.65 -3.25 11.30
C LEU A 136 -28.79 -4.49 12.16
N ARG A 137 -27.79 -5.34 12.11
CA ARG A 137 -27.69 -6.42 13.05
C ARG A 137 -26.29 -6.45 13.59
N LEU A 138 -26.16 -6.05 14.85
CA LEU A 138 -24.89 -5.94 15.54
C LEU A 138 -24.81 -6.95 16.66
N TYR A 139 -25.93 -7.20 17.27
CA TYR A 139 -25.93 -7.94 18.50
C TYR A 139 -26.86 -9.06 18.29
N ASP A 140 -26.57 -10.18 18.94
CA ASP A 140 -27.49 -11.31 18.97
C ASP A 140 -28.77 -10.90 19.68
N GLY A 141 -29.90 -11.31 19.13
CA GLY A 141 -31.17 -10.99 19.71
C GLY A 141 -31.72 -9.64 19.31
N LEU A 142 -30.87 -8.71 18.92
CA LEU A 142 -31.34 -7.34 18.66
C LEU A 142 -31.25 -7.00 17.21
N PHE A 143 -32.24 -6.28 16.73
CA PHE A 143 -32.13 -5.74 15.42
C PHE A 143 -32.36 -4.26 15.62
N LYS A 144 -31.49 -3.44 15.03
CA LYS A 144 -31.47 -2.00 15.29
C LYS A 144 -32.06 -1.27 14.09
N VAL A 145 -33.00 -0.37 14.34
CA VAL A 145 -33.65 0.32 13.24
C VAL A 145 -33.43 1.81 13.32
N ILE A 146 -33.13 2.39 12.17
CA ILE A 146 -32.78 3.76 12.05
C ILE A 146 -33.68 4.25 10.95
N PRO A 147 -34.76 4.97 11.30
CA PRO A 147 -35.59 5.61 10.32
C PRO A 147 -34.75 6.60 9.54
N LEU A 148 -35.06 6.79 8.27
CA LEU A 148 -34.43 7.85 7.51
C LEU A 148 -35.45 8.96 7.28
N ASP A 149 -35.13 10.15 7.78
CA ASP A 149 -36.01 11.32 7.72
C ASP A 149 -35.12 12.52 7.60
N ARG A 150 -35.58 13.55 6.90
CA ARG A 150 -34.80 14.76 6.71
C ARG A 150 -34.02 15.08 7.97
N ASP A 151 -34.72 15.01 9.10
CA ASP A 151 -34.13 15.15 10.43
C ASP A 151 -33.18 13.98 10.74
N ASN A 152 -33.39 13.32 11.88
CA ASN A 152 -32.56 12.19 12.33
C ASN A 152 -31.06 12.28 11.95
N LYS A 153 -30.52 13.48 12.05
CA LYS A 153 -29.17 13.80 11.65
C LYS A 153 -28.19 13.14 12.60
N GLU A 154 -28.76 12.61 13.67
CA GLU A 154 -28.01 12.00 14.72
C GLU A 154 -28.22 10.50 14.63
N LEU A 155 -28.92 10.06 13.58
CA LEU A 155 -29.09 8.64 13.28
C LEU A 155 -29.52 7.86 14.48
N LYS A 156 -30.43 8.44 15.24
CA LYS A 156 -30.85 7.83 16.50
C LYS A 156 -31.62 6.58 16.14
N ALA A 157 -31.61 5.55 16.98
CA ALA A 157 -32.18 4.29 16.55
C ALA A 157 -32.77 3.48 17.67
N PHE A 158 -33.97 2.95 17.46
CA PHE A 158 -34.46 1.94 18.40
C PHE A 158 -34.00 0.54 18.02
N ASN A 159 -33.95 -0.37 19.02
CA ASN A 159 -33.80 -1.79 18.83
C ASN A 159 -35.18 -2.44 18.81
N ILE A 160 -35.26 -3.65 18.26
CA ILE A 160 -36.42 -4.50 18.38
C ILE A 160 -35.92 -5.87 18.81
N ARG A 161 -36.68 -6.56 19.65
CA ARG A 161 -36.21 -7.86 20.11
C ARG A 161 -36.40 -8.88 18.98
N LEU A 162 -35.52 -9.88 18.94
CA LEU A 162 -35.48 -10.86 17.86
C LEU A 162 -35.30 -12.26 18.45
N GLU A 163 -36.38 -13.03 18.43
CA GLU A 163 -36.38 -14.34 19.03
C GLU A 163 -35.16 -15.13 18.51
N GLU A 164 -34.91 -15.01 17.21
CA GLU A 164 -33.77 -15.69 16.57
C GLU A 164 -32.42 -15.11 16.99
N LEU A 165 -31.81 -15.84 17.92
CA LEU A 165 -30.57 -15.47 18.58
C LEU A 165 -29.33 -15.63 17.71
N HIS A 166 -29.44 -16.46 16.67
CA HIS A 166 -28.28 -16.82 15.84
C HIS A 166 -28.55 -16.66 14.34
N VAL A 167 -28.81 -15.42 13.90
CA VAL A 167 -28.98 -15.10 12.48
C VAL A 167 -27.68 -15.20 11.63
N ILE A 168 -27.83 -15.65 10.39
CA ILE A 168 -26.74 -15.80 9.42
C ILE A 168 -26.60 -14.61 8.44
N ASP A 169 -27.67 -14.31 7.69
CA ASP A 169 -27.63 -13.15 6.78
C ASP A 169 -29.06 -12.60 6.58
N VAL A 170 -29.17 -11.34 6.18
CA VAL A 170 -30.43 -10.67 6.14
C VAL A 170 -30.40 -9.69 5.01
N LYS A 171 -31.56 -9.48 4.42
CA LYS A 171 -31.67 -8.54 3.34
C LYS A 171 -33.06 -8.00 3.48
N PHE A 172 -33.28 -6.77 3.05
CA PHE A 172 -34.60 -6.24 2.90
C PHE A 172 -35.13 -6.69 1.54
N LEU A 173 -36.22 -7.46 1.58
CA LEU A 173 -36.97 -7.90 0.42
C LEU A 173 -37.49 -6.77 -0.44
N TYR A 174 -37.51 -7.01 -1.74
CA TYR A 174 -38.04 -6.07 -2.71
C TYR A 174 -39.56 -6.25 -2.90
N GLY A 175 -40.21 -5.18 -3.37
CA GLY A 175 -41.63 -5.20 -3.67
C GLY A 175 -42.40 -5.62 -2.45
N CYS A 176 -42.33 -4.81 -1.42
CA CYS A 176 -42.96 -5.13 -0.18
C CYS A 176 -43.71 -3.93 0.32
N GLN A 177 -45.02 -4.09 0.42
CA GLN A 177 -45.88 -2.98 0.86
C GLN A 177 -45.26 -2.43 2.13
N ALA A 178 -45.05 -3.33 3.07
CA ALA A 178 -44.33 -3.01 4.27
C ALA A 178 -42.84 -3.31 4.06
N PRO A 179 -41.95 -2.42 4.58
CA PRO A 179 -40.59 -2.80 4.91
C PRO A 179 -40.52 -4.23 5.44
N THR A 180 -39.93 -5.11 4.66
CA THR A 180 -39.79 -6.50 5.08
C THR A 180 -38.35 -7.02 4.99
N ILE A 181 -37.98 -7.87 5.95
CA ILE A 181 -36.67 -8.48 5.97
C ILE A 181 -36.81 -9.95 5.86
N CYS A 182 -35.72 -10.57 5.43
CA CYS A 182 -35.69 -11.97 5.14
C CYS A 182 -34.38 -12.39 5.73
N PHE A 183 -34.39 -13.48 6.49
CA PHE A 183 -33.16 -13.90 7.14
C PHE A 183 -33.04 -15.38 7.41
N VAL A 184 -31.83 -15.87 7.20
CA VAL A 184 -31.50 -17.25 7.47
C VAL A 184 -30.97 -17.31 8.90
N TYR A 185 -31.66 -17.99 9.80
CA TYR A 185 -31.15 -18.15 11.17
C TYR A 185 -30.84 -19.62 11.52
N GLN A 186 -29.99 -19.86 12.51
CA GLN A 186 -29.58 -21.23 12.88
C GLN A 186 -29.89 -21.60 14.35
N ASP A 187 -30.89 -22.45 14.58
CA ASP A 187 -31.18 -23.00 15.91
C ASP A 187 -30.80 -24.51 16.00
N PRO A 188 -31.05 -25.19 17.15
CA PRO A 188 -30.85 -26.63 17.06
C PRO A 188 -32.09 -27.24 16.43
N GLN A 189 -31.94 -27.71 15.19
CA GLN A 189 -32.99 -28.23 14.32
C GLN A 189 -32.44 -28.10 12.92
N GLY A 190 -31.66 -27.02 12.73
CA GLY A 190 -31.04 -26.69 11.48
C GLY A 190 -31.05 -25.19 11.27
N ARG A 191 -31.28 -24.80 10.03
CA ARG A 191 -31.23 -23.40 9.61
C ARG A 191 -32.50 -23.07 8.87
N HIS A 192 -32.97 -21.84 9.03
CA HIS A 192 -34.30 -21.53 8.58
C HIS A 192 -34.37 -20.14 8.00
N VAL A 193 -35.17 -20.00 6.95
CA VAL A 193 -35.46 -18.68 6.39
C VAL A 193 -36.72 -18.17 7.08
N LYS A 194 -36.78 -16.87 7.32
CA LYS A 194 -37.90 -16.29 8.00
C LYS A 194 -38.03 -14.84 7.56
N THR A 195 -39.19 -14.27 7.82
CA THR A 195 -39.48 -12.92 7.40
C THR A 195 -40.20 -12.16 8.49
N TYR A 196 -40.08 -10.82 8.42
CA TYR A 196 -40.91 -9.91 9.19
C TYR A 196 -41.09 -8.63 8.42
N GLU A 197 -42.31 -8.10 8.45
CA GLU A 197 -42.61 -6.77 7.99
C GLU A 197 -42.06 -5.95 9.09
N VAL A 198 -41.68 -4.75 8.79
CA VAL A 198 -41.14 -3.98 9.87
C VAL A 198 -41.86 -2.67 10.05
N SER A 199 -42.40 -2.45 11.24
CA SER A 199 -43.11 -1.23 11.54
C SER A 199 -42.41 -0.42 12.61
N LEU A 200 -42.20 0.84 12.27
CA LEU A 200 -41.69 1.83 13.20
C LEU A 200 -42.86 2.44 13.93
N ARG A 201 -43.99 2.51 13.24
CA ARG A 201 -45.26 2.90 13.83
C ARG A 201 -45.39 2.43 15.30
N GLU A 202 -44.91 1.22 15.60
CA GLU A 202 -45.02 0.68 16.97
C GLU A 202 -43.84 -0.18 17.38
N LYS A 203 -42.68 0.08 16.79
CA LYS A 203 -41.40 -0.55 17.21
C LYS A 203 -41.43 -2.08 17.41
N GLU A 204 -42.31 -2.76 16.69
CA GLU A 204 -42.28 -4.21 16.67
C GLU A 204 -42.07 -4.68 15.23
N PHE A 205 -42.08 -5.99 15.05
CA PHE A 205 -41.84 -6.58 13.75
C PHE A 205 -43.09 -6.86 12.91
N ASN A 206 -44.08 -7.54 13.49
CA ASN A 206 -45.20 -8.16 12.73
C ASN A 206 -44.74 -9.48 12.13
N LYS A 207 -45.54 -10.11 11.28
CA LYS A 207 -44.99 -11.25 10.55
C LYS A 207 -44.76 -10.88 9.10
N GLY A 208 -43.79 -11.56 8.50
CA GLY A 208 -43.46 -11.34 7.10
C GLY A 208 -44.49 -12.01 6.22
N PRO A 209 -44.45 -11.71 4.92
CA PRO A 209 -45.37 -12.35 4.01
C PRO A 209 -45.21 -13.88 3.84
N TRP A 210 -44.17 -14.51 4.38
CA TRP A 210 -44.15 -15.98 4.26
C TRP A 210 -43.61 -16.89 5.34
N LYS A 211 -44.39 -17.93 5.60
CA LYS A 211 -44.03 -19.00 6.51
C LYS A 211 -42.50 -19.21 6.56
N GLN A 212 -41.97 -19.36 7.76
CA GLN A 212 -40.60 -19.78 7.94
C GLN A 212 -40.43 -21.09 7.19
N GLU A 213 -39.48 -21.16 6.27
CA GLU A 213 -39.22 -22.41 5.60
C GLU A 213 -38.00 -23.07 6.20
N ASN A 214 -37.31 -23.88 5.39
CA ASN A 214 -36.04 -24.43 5.78
C ASN A 214 -35.03 -24.09 4.72
N VAL A 215 -33.76 -24.32 5.04
CA VAL A 215 -32.64 -24.05 4.13
C VAL A 215 -31.50 -24.91 4.63
N GLU A 216 -30.42 -25.05 3.86
CA GLU A 216 -29.37 -26.00 4.21
C GLU A 216 -28.34 -25.64 5.29
N ALA A 217 -27.92 -26.69 5.98
CA ALA A 217 -26.92 -26.67 7.05
C ALA A 217 -25.78 -25.66 6.89
N GLU A 218 -25.32 -25.43 5.64
CA GLU A 218 -24.27 -24.45 5.43
C GLU A 218 -24.80 -23.21 4.72
N ALA A 219 -26.12 -23.11 4.63
CA ALA A 219 -26.75 -21.93 4.04
C ALA A 219 -26.24 -20.65 4.70
N SER A 220 -26.07 -19.58 3.91
CA SER A 220 -25.25 -18.49 4.38
C SER A 220 -25.30 -17.17 3.63
N MET A 221 -25.93 -17.12 2.47
CA MET A 221 -26.05 -15.82 1.86
C MET A 221 -27.50 -15.63 1.55
N VAL A 222 -28.03 -14.46 1.80
CA VAL A 222 -29.36 -14.17 1.35
C VAL A 222 -29.12 -13.18 0.26
N ILE A 223 -29.90 -13.28 -0.81
CA ILE A 223 -29.94 -12.27 -1.87
C ILE A 223 -31.38 -11.90 -2.10
N ALA A 224 -31.69 -10.62 -2.15
CA ALA A 224 -33.06 -10.19 -2.43
C ALA A 224 -33.13 -9.75 -3.88
N VAL A 225 -34.07 -10.31 -4.62
CA VAL A 225 -34.12 -10.06 -6.03
C VAL A 225 -35.07 -8.93 -6.32
N PRO A 226 -34.64 -7.97 -7.13
CA PRO A 226 -35.34 -6.74 -7.45
C PRO A 226 -36.73 -6.92 -8.02
N GLU A 227 -37.49 -5.84 -7.87
CA GLU A 227 -38.90 -5.66 -8.27
C GLU A 227 -39.54 -6.56 -9.33
N PRO A 228 -38.87 -6.76 -10.49
CA PRO A 228 -39.55 -7.62 -11.46
C PRO A 228 -39.78 -9.07 -10.98
N PHE A 229 -38.97 -9.54 -10.03
CA PHE A 229 -38.99 -10.96 -9.58
C PHE A 229 -39.38 -11.18 -8.10
N GLY A 230 -38.86 -10.33 -7.22
CA GLY A 230 -39.06 -10.45 -5.78
C GLY A 230 -38.38 -11.65 -5.18
N GLY A 231 -38.53 -11.84 -3.89
CA GLY A 231 -38.06 -13.06 -3.23
C GLY A 231 -36.57 -13.13 -2.92
N ALA A 232 -36.13 -14.28 -2.40
CA ALA A 232 -34.77 -14.44 -1.93
C ALA A 232 -34.06 -15.58 -2.58
N ILE A 233 -32.84 -15.32 -3.01
CA ILE A 233 -31.95 -16.38 -3.43
C ILE A 233 -31.12 -16.66 -2.19
N ILE A 234 -31.02 -17.93 -1.82
CA ILE A 234 -30.30 -18.37 -0.64
C ILE A 234 -29.24 -19.35 -1.10
N ILE A 235 -27.97 -19.12 -0.72
CA ILE A 235 -26.89 -19.95 -1.25
C ILE A 235 -26.21 -20.81 -0.22
N GLY A 236 -26.33 -22.12 -0.40
CA GLY A 236 -25.68 -23.07 0.50
C GLY A 236 -24.30 -23.44 0.01
N GLN A 237 -23.71 -24.49 0.62
CA GLN A 237 -22.64 -25.27 0.00
C GLN A 237 -23.28 -26.28 -0.95
N GLU A 238 -22.53 -26.75 -1.95
CA GLU A 238 -23.10 -27.66 -2.98
C GLU A 238 -24.56 -27.39 -3.46
N SER A 239 -25.11 -26.22 -3.12
CA SER A 239 -26.52 -25.94 -3.43
C SER A 239 -26.98 -24.47 -3.30
N ILE A 240 -28.09 -24.14 -3.97
CA ILE A 240 -28.59 -22.78 -4.13
C ILE A 240 -30.11 -22.90 -4.29
N THR A 241 -30.87 -21.96 -3.76
CA THR A 241 -32.34 -22.03 -3.83
C THR A 241 -33.02 -20.68 -3.91
N TYR A 242 -34.32 -20.69 -4.20
CA TYR A 242 -35.12 -19.48 -4.33
C TYR A 242 -36.40 -19.62 -3.54
N HIS A 243 -36.86 -18.47 -3.05
CA HIS A 243 -38.00 -18.43 -2.19
C HIS A 243 -38.77 -17.21 -2.56
N ASN A 244 -40.07 -17.41 -2.70
CA ASN A 244 -41.04 -16.33 -2.66
C ASN A 244 -42.30 -16.98 -2.15
N GLY A 245 -43.28 -16.15 -1.72
CA GLY A 245 -44.49 -16.64 -1.09
C GLY A 245 -44.59 -18.15 -1.04
N ASP A 246 -45.07 -18.73 -2.14
CA ASP A 246 -45.28 -20.18 -2.27
C ASP A 246 -44.19 -20.83 -3.11
N LYS A 247 -43.46 -20.01 -3.88
CA LYS A 247 -42.44 -20.51 -4.84
C LYS A 247 -41.16 -20.97 -4.18
N TYR A 248 -40.68 -22.14 -4.63
CA TYR A 248 -39.44 -22.75 -4.16
C TYR A 248 -38.67 -23.36 -5.33
N LEU A 249 -37.52 -22.81 -5.70
CA LEU A 249 -36.71 -23.39 -6.78
C LEU A 249 -35.36 -23.81 -6.23
N ALA A 250 -34.77 -24.88 -6.73
CA ALA A 250 -33.54 -25.36 -6.13
C ALA A 250 -32.57 -25.95 -7.15
N ILE A 251 -31.28 -25.97 -6.85
CA ILE A 251 -30.27 -26.58 -7.72
C ILE A 251 -29.03 -27.03 -6.97
N ALA A 252 -28.56 -28.21 -7.30
CA ALA A 252 -27.39 -28.74 -6.64
C ALA A 252 -26.27 -29.12 -7.63
N PRO A 253 -25.71 -28.10 -8.34
CA PRO A 253 -24.62 -28.37 -9.25
C PRO A 253 -23.41 -28.78 -8.45
N PRO A 254 -22.84 -29.95 -8.78
CA PRO A 254 -21.62 -30.44 -8.14
C PRO A 254 -20.50 -29.45 -8.36
N ILE A 255 -20.60 -28.66 -9.42
CA ILE A 255 -19.58 -27.67 -9.76
C ILE A 255 -19.34 -26.64 -8.64
N ILE A 256 -20.38 -26.38 -7.83
CA ILE A 256 -20.17 -25.54 -6.65
C ILE A 256 -19.74 -26.33 -5.41
N LYS A 257 -20.00 -27.61 -5.38
CA LYS A 257 -19.67 -28.40 -4.21
C LYS A 257 -18.26 -28.14 -3.68
N GLN A 258 -17.27 -27.97 -4.56
CA GLN A 258 -15.86 -28.03 -4.14
C GLN A 258 -15.41 -26.82 -3.32
N SER A 259 -16.17 -25.74 -3.44
CA SER A 259 -15.83 -24.57 -2.67
C SER A 259 -17.06 -23.76 -2.34
N THR A 260 -16.99 -23.09 -1.18
CA THR A 260 -18.09 -22.28 -0.67
C THR A 260 -18.16 -21.04 -1.49
N ILE A 261 -19.37 -20.69 -1.90
CA ILE A 261 -19.58 -19.42 -2.54
C ILE A 261 -19.31 -18.41 -1.46
N VAL A 262 -19.06 -17.16 -1.77
CA VAL A 262 -18.42 -16.31 -0.77
C VAL A 262 -18.78 -14.87 -0.97
N CYS A 263 -19.21 -14.54 -2.18
CA CYS A 263 -19.76 -13.23 -2.52
C CYS A 263 -20.61 -13.37 -3.75
N HIS A 264 -21.65 -12.55 -3.81
CA HIS A 264 -22.46 -12.44 -4.98
C HIS A 264 -22.44 -10.99 -5.38
N ASN A 265 -22.95 -10.68 -6.54
CA ASN A 265 -23.12 -9.30 -6.95
C ASN A 265 -24.08 -9.38 -8.14
N ARG A 266 -25.03 -8.43 -8.24
CA ARG A 266 -26.02 -8.46 -9.28
C ARG A 266 -25.42 -7.80 -10.50
N VAL A 267 -25.71 -8.30 -11.69
CA VAL A 267 -25.15 -7.78 -12.94
C VAL A 267 -26.19 -6.90 -13.62
N ASP A 268 -27.39 -7.48 -13.71
CA ASP A 268 -28.46 -6.86 -14.43
C ASP A 268 -29.45 -6.38 -13.37
N PRO A 269 -29.88 -5.13 -13.49
CA PRO A 269 -30.82 -4.56 -12.52
C PRO A 269 -32.03 -5.44 -12.28
N ASN A 270 -32.54 -6.06 -13.32
CA ASN A 270 -33.69 -6.93 -13.18
C ASN A 270 -33.29 -8.10 -12.27
N GLY A 271 -32.01 -8.46 -12.32
CA GLY A 271 -31.54 -9.63 -11.58
C GLY A 271 -31.71 -10.91 -12.36
N SER A 272 -31.87 -10.78 -13.68
CA SER A 272 -31.79 -11.95 -14.53
C SER A 272 -30.45 -12.59 -14.23
N ARG A 273 -29.42 -11.76 -14.08
CA ARG A 273 -28.05 -12.25 -13.83
C ARG A 273 -27.40 -11.83 -12.52
N TYR A 274 -26.58 -12.74 -11.98
CA TYR A 274 -25.79 -12.53 -10.74
C TYR A 274 -24.42 -13.20 -10.88
N LEU A 275 -23.40 -12.58 -10.29
CA LEU A 275 -22.03 -13.11 -10.17
C LEU A 275 -21.79 -13.76 -8.80
N LEU A 276 -21.12 -14.90 -8.74
CA LEU A 276 -20.82 -15.52 -7.47
C LEU A 276 -19.33 -15.81 -7.42
N GLY A 277 -18.69 -15.53 -6.28
CA GLY A 277 -17.28 -15.87 -6.06
C GLY A 277 -17.11 -16.97 -5.01
N ASP A 278 -15.89 -17.48 -4.86
CA ASP A 278 -15.64 -18.77 -4.28
C ASP A 278 -14.39 -18.72 -3.38
N MET A 279 -14.27 -19.58 -2.35
CA MET A 279 -12.98 -19.68 -1.64
C MET A 279 -11.85 -19.96 -2.62
N GLU A 280 -12.22 -20.38 -3.83
CA GLU A 280 -11.29 -20.87 -4.86
C GLU A 280 -10.79 -19.82 -5.85
N GLY A 281 -11.58 -18.77 -6.09
CA GLY A 281 -11.25 -17.82 -7.15
C GLY A 281 -12.13 -17.99 -8.39
N ARG A 282 -12.87 -19.09 -8.42
CA ARG A 282 -13.81 -19.42 -9.51
C ARG A 282 -14.91 -18.42 -9.55
N LEU A 283 -15.32 -18.06 -10.75
CA LEU A 283 -16.29 -17.00 -10.89
C LEU A 283 -17.46 -17.66 -11.51
N PHE A 284 -18.61 -17.60 -10.86
CA PHE A 284 -19.78 -18.20 -11.41
C PHE A 284 -20.66 -17.12 -11.91
N MET A 285 -21.68 -17.52 -12.64
CA MET A 285 -22.69 -16.62 -13.17
C MET A 285 -23.94 -17.36 -12.82
N LEU A 286 -24.89 -16.67 -12.19
CA LEU A 286 -26.08 -17.32 -11.66
C LEU A 286 -27.23 -16.75 -12.39
N LEU A 287 -27.86 -17.56 -13.22
CA LEU A 287 -28.83 -17.00 -14.13
C LEU A 287 -30.21 -17.40 -13.70
N LEU A 288 -31.09 -16.42 -13.81
CA LEU A 288 -32.49 -16.60 -13.58
C LEU A 288 -33.17 -16.76 -14.91
N GLU A 289 -33.26 -18.00 -15.38
CA GLU A 289 -33.91 -18.28 -16.66
C GLU A 289 -35.19 -17.46 -16.80
N LYS A 290 -35.30 -16.71 -17.89
CA LYS A 290 -36.47 -15.87 -18.13
C LYS A 290 -37.77 -16.67 -18.20
N GLU A 291 -38.88 -15.98 -18.39
CA GLU A 291 -40.19 -16.62 -18.48
C GLU A 291 -41.30 -15.61 -18.19
N GLU A 292 -42.50 -15.88 -18.68
CA GLU A 292 -43.63 -14.98 -18.46
C GLU A 292 -44.98 -15.59 -18.83
N GLN A 293 -46.02 -14.76 -18.77
CA GLN A 293 -47.38 -15.17 -19.08
C GLN A 293 -48.24 -13.94 -19.40
N MET A 294 -48.04 -13.42 -20.61
CA MET A 294 -48.73 -12.23 -21.14
C MET A 294 -48.86 -11.09 -20.13
N ASP A 295 -49.99 -10.37 -20.19
CA ASP A 295 -50.31 -9.33 -19.21
C ASP A 295 -50.23 -9.92 -17.81
N GLY A 296 -49.07 -9.73 -17.19
CA GLY A 296 -48.73 -10.35 -15.91
C GLY A 296 -47.22 -10.46 -15.78
N THR A 297 -46.70 -10.03 -14.62
CA THR A 297 -45.25 -9.92 -14.38
C THR A 297 -44.49 -11.23 -14.63
N VAL A 298 -43.19 -11.11 -14.89
CA VAL A 298 -42.30 -12.24 -15.17
C VAL A 298 -42.18 -13.22 -13.99
N THR A 299 -42.36 -14.50 -14.29
CA THR A 299 -42.14 -15.58 -13.33
C THR A 299 -40.65 -15.97 -13.32
N LEU A 300 -40.33 -17.16 -12.81
CA LEU A 300 -38.97 -17.66 -12.85
C LEU A 300 -39.05 -19.14 -13.12
N LYS A 301 -38.74 -19.56 -14.34
CA LYS A 301 -38.89 -20.97 -14.65
C LYS A 301 -37.81 -21.75 -13.96
N ASP A 302 -36.60 -21.18 -13.93
CA ASP A 302 -35.40 -21.94 -13.57
C ASP A 302 -34.23 -21.03 -13.17
N LEU A 303 -33.13 -21.65 -12.75
CA LEU A 303 -31.85 -20.95 -12.56
C LEU A 303 -30.67 -21.90 -12.67
N ARG A 304 -29.56 -21.42 -13.27
CA ARG A 304 -28.33 -22.27 -13.34
C ARG A 304 -26.99 -21.54 -13.16
N VAL A 305 -25.99 -22.35 -12.89
CA VAL A 305 -24.62 -21.92 -12.72
C VAL A 305 -23.82 -22.09 -13.99
N GLU A 306 -23.15 -21.03 -14.40
CA GLU A 306 -22.12 -21.21 -15.38
C GLU A 306 -20.75 -20.78 -14.87
N LEU A 307 -19.89 -21.73 -14.55
CA LEU A 307 -18.51 -21.42 -14.31
C LEU A 307 -17.99 -20.51 -15.43
N LEU A 308 -17.58 -19.31 -15.06
CA LEU A 308 -17.07 -18.35 -16.00
C LEU A 308 -15.56 -18.43 -16.09
N GLY A 309 -14.94 -18.86 -15.02
CA GLY A 309 -13.51 -18.94 -15.01
C GLY A 309 -12.99 -18.67 -13.62
N GLU A 310 -11.85 -18.01 -13.57
CA GLU A 310 -11.16 -17.82 -12.32
C GLU A 310 -10.67 -16.39 -12.16
N THR A 311 -10.66 -15.93 -10.93
CA THR A 311 -10.26 -14.58 -10.64
C THR A 311 -9.27 -14.73 -9.51
N SER A 312 -8.79 -13.65 -8.93
CA SER A 312 -8.17 -13.75 -7.61
C SER A 312 -9.29 -14.10 -6.63
N ILE A 313 -8.93 -14.66 -5.49
CA ILE A 313 -9.92 -14.92 -4.47
C ILE A 313 -10.60 -13.60 -4.15
N ALA A 314 -11.93 -13.64 -4.09
CA ALA A 314 -12.75 -12.45 -4.01
C ALA A 314 -13.37 -12.26 -2.65
N GLU A 315 -13.07 -11.14 -2.02
CA GLU A 315 -13.97 -10.68 -1.00
C GLU A 315 -15.09 -10.02 -1.72
N CYS A 316 -14.75 -8.98 -2.49
CA CYS A 316 -15.73 -8.11 -3.09
C CYS A 316 -15.84 -8.44 -4.58
N LEU A 317 -17.05 -8.39 -5.12
CA LEU A 317 -17.29 -8.49 -6.53
C LEU A 317 -18.28 -7.44 -7.02
N THR A 318 -17.99 -6.83 -8.15
CA THR A 318 -18.82 -5.75 -8.67
C THR A 318 -18.78 -5.60 -10.20
N TYR A 319 -19.88 -6.01 -10.85
CA TYR A 319 -20.05 -5.81 -12.27
C TYR A 319 -20.01 -4.31 -12.44
N LEU A 320 -19.35 -3.80 -13.49
CA LEU A 320 -19.30 -2.35 -13.72
C LEU A 320 -20.04 -2.08 -14.99
N ASP A 321 -19.38 -1.41 -15.94
CA ASP A 321 -19.91 -1.32 -17.28
C ASP A 321 -19.84 -2.68 -18.00
N ASN A 322 -19.57 -2.63 -19.28
CA ASN A 322 -19.89 -3.72 -20.18
C ASN A 322 -18.90 -4.86 -20.11
N GLY A 323 -19.33 -5.92 -19.42
CA GLY A 323 -18.60 -7.18 -19.34
C GLY A 323 -17.43 -7.06 -18.41
N VAL A 324 -17.21 -5.85 -17.91
CA VAL A 324 -16.13 -5.63 -16.97
C VAL A 324 -16.59 -5.82 -15.52
N VAL A 325 -15.73 -6.45 -14.73
CA VAL A 325 -16.03 -6.71 -13.36
C VAL A 325 -14.80 -6.42 -12.51
N PHE A 326 -14.98 -5.72 -11.40
CA PHE A 326 -13.89 -5.47 -10.50
C PHE A 326 -13.90 -6.55 -9.48
N VAL A 327 -12.74 -7.10 -9.24
CA VAL A 327 -12.69 -8.19 -8.30
C VAL A 327 -12.01 -7.68 -7.08
N GLY A 328 -12.77 -7.56 -6.00
CA GLY A 328 -12.22 -7.09 -4.74
C GLY A 328 -11.57 -8.25 -4.01
N SER A 329 -10.26 -8.17 -3.88
CA SER A 329 -9.54 -9.22 -3.21
C SER A 329 -8.83 -8.76 -1.95
N ARG A 330 -8.82 -9.65 -0.95
CA ARG A 330 -8.16 -9.45 0.32
C ARG A 330 -7.01 -10.47 0.53
N LEU A 331 -7.21 -11.71 0.10
CA LEU A 331 -6.16 -12.75 0.13
C LEU A 331 -5.12 -12.61 -0.96
N GLY A 332 -5.46 -11.86 -2.00
CA GLY A 332 -4.52 -11.64 -3.05
C GLY A 332 -4.81 -10.37 -3.78
N ASP A 333 -3.99 -10.12 -4.81
CA ASP A 333 -4.11 -8.96 -5.71
C ASP A 333 -5.55 -8.74 -6.23
N SER A 334 -6.04 -7.51 -6.16
CA SER A 334 -7.34 -7.21 -6.74
C SER A 334 -7.20 -7.02 -8.25
N GLN A 335 -8.30 -7.07 -8.96
CA GLN A 335 -8.15 -6.98 -10.38
C GLN A 335 -9.38 -6.46 -11.12
N LEU A 336 -9.10 -5.98 -12.33
CA LEU A 336 -10.14 -5.65 -13.28
C LEU A 336 -10.18 -6.74 -14.30
N VAL A 337 -11.35 -7.05 -14.78
CA VAL A 337 -11.53 -8.32 -15.43
C VAL A 337 -12.70 -8.24 -16.37
N LYS A 338 -12.43 -8.64 -17.61
CA LYS A 338 -13.39 -8.64 -18.70
C LYS A 338 -14.05 -9.99 -18.80
N LEU A 339 -15.38 -9.99 -18.90
CA LEU A 339 -16.18 -11.16 -19.23
C LEU A 339 -16.64 -11.06 -20.68
N ASN A 340 -16.58 -12.18 -21.38
CA ASN A 340 -16.85 -12.20 -22.80
C ASN A 340 -17.85 -13.23 -23.09
N VAL A 341 -18.67 -13.02 -24.12
CA VAL A 341 -19.60 -14.06 -24.56
C VAL A 341 -18.85 -15.33 -25.00
N ASP A 342 -17.63 -15.16 -25.52
CA ASP A 342 -16.82 -16.30 -25.97
C ASP A 342 -15.66 -16.68 -25.07
N SER A 343 -15.53 -17.97 -24.78
CA SER A 343 -14.45 -18.46 -23.93
C SER A 343 -13.27 -18.95 -24.75
N ASN A 344 -12.21 -18.14 -24.81
CA ASN A 344 -11.01 -18.48 -25.56
C ASN A 344 -10.29 -19.70 -24.98
N GLU A 345 -9.04 -19.88 -25.37
CA GLU A 345 -8.24 -21.00 -24.89
C GLU A 345 -8.59 -21.35 -23.45
N GLN A 346 -8.35 -22.60 -23.09
CA GLN A 346 -8.65 -23.07 -21.74
C GLN A 346 -10.14 -23.00 -21.43
N GLY A 347 -10.85 -22.20 -22.21
CA GLY A 347 -12.29 -22.04 -22.04
C GLY A 347 -12.64 -21.17 -20.85
N SER A 348 -12.13 -19.95 -20.85
CA SER A 348 -12.39 -19.01 -19.75
C SER A 348 -12.92 -17.68 -20.28
N TYR A 349 -14.23 -17.48 -20.15
CA TYR A 349 -14.85 -16.25 -20.60
C TYR A 349 -14.29 -15.08 -19.80
N VAL A 350 -13.50 -15.38 -18.78
CA VAL A 350 -12.95 -14.32 -17.94
C VAL A 350 -11.49 -13.98 -18.24
N VAL A 351 -11.26 -12.85 -18.91
CA VAL A 351 -9.91 -12.42 -19.19
C VAL A 351 -9.54 -11.27 -18.26
N ALA A 352 -8.37 -11.33 -17.63
CA ALA A 352 -7.94 -10.26 -16.73
C ALA A 352 -7.49 -9.08 -17.53
N MET A 353 -7.80 -7.86 -17.06
CA MET A 353 -7.48 -6.62 -17.75
C MET A 353 -6.47 -5.91 -16.91
N GLU A 354 -6.90 -5.54 -15.71
CA GLU A 354 -5.96 -5.04 -14.75
C GLU A 354 -5.82 -5.89 -13.49
N THR A 355 -4.62 -5.78 -12.92
CA THR A 355 -4.22 -6.40 -11.70
C THR A 355 -3.68 -5.40 -10.68
N PHE A 356 -4.35 -5.27 -9.53
CA PHE A 356 -3.98 -4.26 -8.55
C PHE A 356 -3.26 -4.86 -7.36
N THR A 357 -2.07 -4.36 -7.03
CA THR A 357 -1.24 -5.09 -6.08
C THR A 357 -1.85 -5.02 -4.71
N ASN A 358 -1.96 -6.19 -4.11
CA ASN A 358 -2.29 -6.37 -2.69
C ASN A 358 -1.06 -6.94 -2.03
N LEU A 359 -0.45 -6.21 -1.11
CA LEU A 359 0.55 -6.80 -0.19
C LEU A 359 -0.05 -7.89 0.73
N GLY A 360 -1.36 -8.13 0.57
CA GLY A 360 -2.03 -9.40 0.89
C GLY A 360 -2.18 -9.40 2.36
N PRO A 361 -2.63 -10.53 2.95
CA PRO A 361 -2.17 -10.64 4.36
C PRO A 361 -0.67 -10.90 4.34
N ILE A 362 0.10 -10.04 5.01
CA ILE A 362 1.52 -10.23 5.20
C ILE A 362 1.73 -11.10 6.41
N VAL A 363 2.17 -12.31 6.17
CA VAL A 363 2.15 -13.36 7.14
C VAL A 363 3.47 -13.46 7.90
N ASP A 364 4.53 -12.97 7.28
CA ASP A 364 5.82 -12.87 7.91
C ASP A 364 6.56 -12.06 6.91
N MET A 365 7.72 -11.54 7.30
CA MET A 365 8.48 -10.68 6.43
C MET A 365 9.92 -10.50 7.01
N CYS A 366 10.79 -9.84 6.24
CA CYS A 366 12.17 -9.61 6.68
C CYS A 366 12.85 -8.56 5.81
N VAL A 367 13.84 -7.88 6.39
CA VAL A 367 14.57 -6.84 5.67
C VAL A 367 15.61 -7.42 4.71
N VAL A 368 16.21 -6.55 3.91
CA VAL A 368 17.21 -6.96 2.94
C VAL A 368 18.01 -5.75 2.44
N ASP A 369 19.28 -5.97 2.13
CA ASP A 369 19.90 -7.28 2.24
C ASP A 369 19.94 -8.00 0.89
N LEU A 370 20.00 -7.22 -0.18
CA LEU A 370 20.04 -7.76 -1.53
C LEU A 370 21.32 -7.34 -2.24
N GLU A 371 21.31 -6.14 -2.83
CA GLU A 371 22.46 -5.62 -3.54
C GLU A 371 23.49 -5.03 -2.57
N ARG A 372 23.60 -5.64 -1.40
CA ARG A 372 24.54 -5.17 -0.39
C ARG A 372 24.83 -3.68 -0.55
N GLN A 373 23.80 -2.86 -0.39
CA GLN A 373 23.93 -1.42 -0.52
C GLN A 373 24.00 -0.74 0.85
N GLY A 374 22.83 -0.52 1.44
CA GLY A 374 22.75 0.13 2.73
C GLY A 374 21.30 0.45 3.06
N GLN A 375 20.42 0.24 2.09
CA GLN A 375 18.99 0.37 2.31
C GLN A 375 18.41 -1.00 2.53
N GLY A 376 17.26 -1.07 3.19
CA GLY A 376 16.57 -2.34 3.34
C GLY A 376 15.50 -2.47 2.30
N GLN A 377 15.43 -3.64 1.68
CA GLN A 377 14.30 -4.02 0.84
C GLN A 377 13.54 -4.83 1.81
N LEU A 378 12.22 -4.79 1.76
CA LEU A 378 11.43 -5.59 2.68
C LEU A 378 10.84 -6.73 1.94
N VAL A 379 10.95 -7.93 2.49
CA VAL A 379 10.53 -9.12 1.72
C VAL A 379 9.50 -9.81 2.52
N THR A 380 8.34 -10.03 1.91
CA THR A 380 7.17 -10.44 2.66
C THR A 380 6.53 -11.64 2.03
N CYS A 381 6.11 -12.56 2.89
CA CYS A 381 5.25 -13.67 2.52
C CYS A 381 3.86 -13.17 2.49
N SER A 382 3.14 -13.35 1.40
CA SER A 382 1.93 -12.60 1.25
C SER A 382 0.90 -13.47 0.67
N GLY A 383 -0.34 -13.08 0.83
CA GLY A 383 -1.39 -13.80 0.20
C GLY A 383 -1.55 -15.11 0.90
N ALA A 384 -2.30 -15.98 0.27
CA ALA A 384 -2.63 -17.24 0.88
C ALA A 384 -3.07 -18.14 -0.28
N PHE A 385 -2.87 -19.42 -0.12
CA PHE A 385 -3.30 -20.34 -1.16
C PHE A 385 -2.69 -19.92 -2.53
N LYS A 386 -3.47 -19.88 -3.61
CA LYS A 386 -2.90 -19.56 -4.93
C LYS A 386 -2.43 -18.13 -5.10
N GLU A 387 -2.90 -17.23 -4.25
CA GLU A 387 -2.39 -15.84 -4.27
C GLU A 387 -1.06 -15.73 -3.57
N GLY A 388 -0.56 -16.85 -3.13
CA GLY A 388 0.53 -16.76 -2.21
C GLY A 388 1.69 -16.17 -2.96
N SER A 389 2.54 -15.43 -2.26
CA SER A 389 3.60 -14.83 -2.98
C SER A 389 4.67 -14.30 -2.07
N LEU A 390 5.82 -13.99 -2.66
CA LEU A 390 6.70 -13.04 -2.06
C LEU A 390 6.44 -11.73 -2.79
N ARG A 391 6.86 -10.65 -2.10
CA ARG A 391 6.78 -9.27 -2.54
C ARG A 391 8.01 -8.61 -1.96
N ILE A 392 8.90 -8.18 -2.87
CA ILE A 392 10.04 -7.41 -2.44
C ILE A 392 9.62 -5.95 -2.57
N ILE A 393 9.85 -5.18 -1.52
CA ILE A 393 9.46 -3.78 -1.52
C ILE A 393 10.69 -2.99 -1.25
N ARG A 394 10.99 -2.08 -2.17
CA ARG A 394 12.18 -1.23 -2.17
C ARG A 394 11.64 0.21 -2.17
N ASN A 395 12.08 1.00 -1.22
CA ASN A 395 11.72 2.41 -1.21
C ASN A 395 12.54 3.14 -2.27
N GLY A 396 11.85 3.94 -3.07
CA GLY A 396 12.50 4.88 -3.97
C GLY A 396 12.73 4.38 -5.38
N ILE A 397 13.25 5.26 -6.21
CA ILE A 397 13.41 4.98 -7.60
C ILE A 397 14.90 4.73 -7.84
N GLY A 398 15.24 3.52 -8.25
CA GLY A 398 16.62 3.19 -8.53
C GLY A 398 16.93 3.59 -9.95
N ILE A 399 18.21 3.48 -10.29
CA ILE A 399 18.73 3.73 -11.65
C ILE A 399 19.88 2.75 -11.95
N HIS A 400 19.97 2.25 -13.18
CA HIS A 400 20.99 1.26 -13.52
C HIS A 400 22.20 1.83 -14.28
N GLU A 401 23.38 1.82 -13.64
CA GLU A 401 24.60 2.44 -14.17
C GLU A 401 25.44 1.63 -15.19
N HIS A 402 25.74 2.24 -16.32
CA HIS A 402 26.46 1.53 -17.39
C HIS A 402 27.93 1.94 -17.50
N ALA A 403 28.20 3.20 -17.85
CA ALA A 403 29.57 3.75 -17.82
C ALA A 403 29.72 4.63 -16.60
N SER A 404 30.91 5.19 -16.41
CA SER A 404 31.18 5.88 -15.15
C SER A 404 32.47 6.72 -15.17
N ILE A 405 32.40 7.88 -15.82
CA ILE A 405 33.60 8.68 -16.00
C ILE A 405 33.75 9.72 -14.90
N ASP A 406 34.80 9.56 -14.09
CA ASP A 406 35.03 10.39 -12.89
C ASP A 406 35.48 11.83 -13.18
N LEU A 407 34.51 12.74 -13.24
CA LEU A 407 34.76 14.13 -13.65
C LEU A 407 34.30 15.18 -12.62
N PRO A 408 35.23 15.63 -11.75
CA PRO A 408 34.99 16.59 -10.66
C PRO A 408 34.57 18.01 -11.06
N GLY A 409 34.08 18.18 -12.28
CA GLY A 409 33.68 19.50 -12.76
C GLY A 409 32.21 19.59 -13.09
N ILE A 410 31.77 18.73 -14.00
CA ILE A 410 30.48 18.86 -14.70
C ILE A 410 29.47 19.82 -14.06
N LYS A 411 29.12 20.85 -14.83
CA LYS A 411 28.35 22.00 -14.36
C LYS A 411 27.05 22.13 -15.10
N GLY A 412 26.75 21.13 -15.89
CA GLY A 412 25.55 21.10 -16.69
C GLY A 412 25.88 20.11 -17.77
N LEU A 413 24.87 19.61 -18.45
CA LEU A 413 25.08 18.73 -19.60
C LEU A 413 23.87 18.63 -20.49
N TRP A 414 24.13 18.44 -21.78
CA TRP A 414 23.13 18.60 -22.82
C TRP A 414 23.25 17.49 -23.86
N PRO A 415 22.09 17.02 -24.33
CA PRO A 415 21.90 15.91 -25.28
C PRO A 415 22.07 15.88 -26.81
N LEU A 416 23.27 16.13 -27.33
CA LEU A 416 23.55 16.03 -28.78
C LEU A 416 23.81 14.88 -29.77
N ARG A 417 22.89 14.70 -30.70
CA ARG A 417 23.05 13.82 -31.87
C ARG A 417 23.97 14.51 -32.86
N SER A 418 24.79 13.73 -33.57
CA SER A 418 25.69 14.33 -34.56
C SER A 418 25.25 13.98 -35.98
N ASP A 419 24.25 13.10 -36.09
CA ASP A 419 23.69 12.72 -37.37
C ASP A 419 22.19 13.05 -37.40
N PRO A 420 21.79 14.00 -38.26
CA PRO A 420 20.43 14.53 -38.47
C PRO A 420 19.32 13.48 -38.44
N ASN A 421 19.58 12.31 -39.02
CA ASN A 421 18.59 11.25 -39.16
C ASN A 421 18.31 10.51 -37.86
N ARG A 422 19.36 9.88 -37.30
CA ARG A 422 19.24 9.01 -36.13
C ARG A 422 18.72 9.74 -34.88
N GLU A 423 17.81 9.08 -34.17
CA GLU A 423 17.24 9.59 -32.91
C GLU A 423 18.27 9.50 -31.79
N THR A 424 19.43 8.94 -32.11
CA THR A 424 20.51 8.78 -31.15
C THR A 424 21.47 9.98 -31.14
N TYR A 425 22.05 10.21 -29.96
CA TYR A 425 22.96 11.31 -29.70
C TYR A 425 24.31 10.69 -29.33
N ASP A 426 25.29 10.89 -30.21
CA ASP A 426 26.61 10.28 -30.03
C ASP A 426 27.60 11.23 -29.35
N THR A 427 27.15 12.43 -29.02
CA THR A 427 28.01 13.40 -28.34
C THR A 427 27.44 13.84 -26.99
N LEU A 428 28.34 14.08 -26.04
CA LEU A 428 27.92 14.81 -24.85
C LEU A 428 28.79 16.04 -24.68
N VAL A 429 28.16 17.20 -24.85
CA VAL A 429 28.80 18.44 -24.46
C VAL A 429 28.31 18.78 -23.06
N LEU A 430 29.27 19.09 -22.21
CA LEU A 430 29.03 19.32 -20.80
C LEU A 430 29.77 20.56 -20.30
N SER A 431 29.07 21.41 -19.57
CA SER A 431 29.66 22.56 -18.93
C SER A 431 30.75 22.08 -17.99
N PHE A 432 31.82 22.85 -17.88
CA PHE A 432 32.96 22.44 -17.06
C PHE A 432 33.50 23.63 -16.26
N VAL A 433 34.58 23.39 -15.51
CA VAL A 433 35.31 24.41 -14.74
C VAL A 433 35.74 25.58 -15.63
N GLY A 434 34.77 26.40 -16.02
CA GLY A 434 34.99 27.46 -17.01
C GLY A 434 35.49 26.93 -18.35
N GLN A 435 35.01 25.76 -18.74
CA GLN A 435 35.44 25.08 -19.97
C GLN A 435 34.27 24.37 -20.62
N THR A 436 34.51 23.76 -21.77
CA THR A 436 33.57 22.81 -22.37
C THR A 436 34.33 21.67 -22.99
N ARG A 437 34.09 20.47 -22.48
CA ARG A 437 34.60 19.26 -23.10
C ARG A 437 33.51 18.68 -23.98
N VAL A 438 33.91 18.12 -25.11
CA VAL A 438 33.01 17.49 -26.05
C VAL A 438 33.24 15.99 -25.93
N LEU A 439 32.22 15.18 -26.19
CA LEU A 439 32.40 13.73 -26.14
C LEU A 439 31.73 12.99 -27.30
N MET A 440 32.43 12.92 -28.43
CA MET A 440 32.02 12.05 -29.52
C MET A 440 32.22 10.62 -29.05
N LEU A 441 31.12 9.92 -28.82
CA LEU A 441 31.15 8.51 -28.40
C LEU A 441 31.19 7.62 -29.63
N ASN A 442 32.09 6.63 -29.64
CA ASN A 442 32.12 5.63 -30.71
C ASN A 442 31.08 4.54 -30.45
N GLY A 443 29.83 4.98 -30.25
CA GLY A 443 28.72 4.10 -29.87
C GLY A 443 28.59 3.97 -28.36
N GLU A 444 29.35 3.03 -27.81
CA GLU A 444 29.43 2.81 -26.34
C GLU A 444 30.80 3.23 -25.78
N GLU A 445 31.65 3.78 -26.65
CA GLU A 445 33.05 4.10 -26.33
C GLU A 445 33.25 5.60 -26.08
N VAL A 446 34.10 5.95 -25.12
CA VAL A 446 34.38 7.36 -24.75
C VAL A 446 35.66 7.91 -25.40
N GLU A 447 35.54 9.10 -25.96
CA GLU A 447 36.60 9.73 -26.73
C GLU A 447 36.35 11.23 -26.80
N GLU A 448 37.36 12.03 -26.41
CA GLU A 448 37.21 13.49 -26.31
C GLU A 448 37.99 14.28 -27.38
N THR A 449 37.24 14.94 -28.26
CA THR A 449 37.81 15.70 -29.38
C THR A 449 37.19 17.09 -29.54
N GLU A 450 37.54 17.75 -30.65
CA GLU A 450 37.02 19.04 -31.06
C GLU A 450 35.59 18.95 -31.64
N LEU A 451 35.01 20.10 -32.00
CA LEU A 451 33.77 20.20 -32.77
C LEU A 451 33.55 21.65 -33.22
N MET A 452 33.74 21.89 -34.53
CA MET A 452 33.78 23.25 -35.10
C MET A 452 32.67 24.15 -34.57
N GLY A 453 33.05 25.35 -34.14
CA GLY A 453 32.09 26.35 -33.65
C GLY A 453 31.54 26.10 -32.25
N PHE A 454 32.21 25.22 -31.50
CA PHE A 454 31.79 24.89 -30.14
C PHE A 454 32.93 25.09 -29.17
N VAL A 455 33.06 26.31 -28.65
CA VAL A 455 34.23 26.70 -27.85
C VAL A 455 34.56 25.74 -26.72
N ASP A 456 35.83 25.38 -26.69
CA ASP A 456 36.40 24.40 -25.77
C ASP A 456 37.05 25.05 -24.55
N ASP A 457 37.26 26.36 -24.60
CA ASP A 457 37.86 27.08 -23.48
C ASP A 457 36.85 28.03 -22.86
N GLN A 458 35.58 27.63 -22.92
CA GLN A 458 34.48 28.46 -22.46
C GLN A 458 33.41 27.64 -21.75
N GLN A 459 32.95 28.14 -20.61
CA GLN A 459 31.90 27.48 -19.83
C GLN A 459 30.55 27.55 -20.53
N THR A 460 30.23 26.57 -21.37
CA THR A 460 28.91 26.49 -22.03
C THR A 460 27.77 26.53 -21.00
N PHE A 461 26.66 27.14 -21.36
CA PHE A 461 25.50 27.29 -20.47
C PHE A 461 24.22 26.73 -21.06
N PHE A 462 24.37 26.13 -22.23
CA PHE A 462 23.27 25.52 -22.98
C PHE A 462 23.83 24.89 -24.27
N CYS A 463 23.00 24.14 -24.98
CA CYS A 463 23.48 23.26 -26.04
C CYS A 463 22.38 22.49 -26.74
N GLY A 464 21.15 23.03 -26.76
CA GLY A 464 19.95 22.35 -27.33
C GLY A 464 20.05 21.66 -28.70
N ASN A 465 18.93 21.20 -29.23
CA ASN A 465 18.88 20.60 -30.57
C ASN A 465 18.05 21.45 -31.55
N VAL A 466 18.59 22.61 -31.89
CA VAL A 466 17.88 23.63 -32.67
C VAL A 466 17.59 23.22 -34.11
N ALA A 467 16.32 23.32 -34.48
CA ALA A 467 15.81 22.88 -35.78
C ALA A 467 16.49 23.63 -36.94
N HIS A 468 16.12 23.28 -38.17
CA HIS A 468 16.71 23.85 -39.41
C HIS A 468 18.19 23.48 -39.56
N GLN A 469 18.50 22.23 -39.21
CA GLN A 469 19.81 21.61 -39.42
C GLN A 469 20.95 22.32 -38.71
N GLN A 470 20.70 22.86 -37.53
CA GLN A 470 21.81 23.48 -36.81
C GLN A 470 22.03 23.03 -35.37
N LEU A 471 23.24 23.29 -34.89
CA LEU A 471 23.62 23.10 -33.50
C LEU A 471 23.81 24.46 -32.85
N ILE A 472 23.68 24.50 -31.53
CA ILE A 472 23.79 25.73 -30.76
C ILE A 472 24.74 25.51 -29.57
N GLN A 473 25.50 26.53 -29.21
CA GLN A 473 26.33 26.49 -28.02
C GLN A 473 26.36 27.87 -27.36
N ILE A 474 25.41 28.13 -26.45
CA ILE A 474 25.48 29.36 -25.69
C ILE A 474 26.64 29.25 -24.71
N THR A 475 27.58 30.18 -24.81
CA THR A 475 28.70 30.19 -23.91
C THR A 475 28.59 31.42 -22.99
N SER A 476 29.52 31.56 -22.04
CA SER A 476 29.61 32.74 -21.20
C SER A 476 29.33 33.88 -22.14
N ALA A 477 30.17 33.95 -23.16
CA ALA A 477 30.16 34.98 -24.18
C ALA A 477 29.00 34.86 -25.17
N SER A 478 29.32 34.42 -26.38
CA SER A 478 28.42 34.54 -27.52
C SER A 478 27.55 33.32 -27.67
N VAL A 479 26.29 33.53 -28.02
CA VAL A 479 25.36 32.44 -28.31
C VAL A 479 25.62 31.89 -29.73
N ARG A 480 26.66 31.05 -29.85
CA ARG A 480 27.20 30.58 -31.13
C ARG A 480 26.17 29.85 -32.00
N LEU A 481 26.54 29.54 -33.23
CA LEU A 481 25.70 28.74 -34.12
C LEU A 481 26.53 27.90 -35.11
N VAL A 482 26.14 26.63 -35.25
CA VAL A 482 26.90 25.65 -36.02
C VAL A 482 25.97 24.78 -36.85
N SER A 483 26.43 24.37 -38.03
CA SER A 483 25.58 23.73 -39.03
C SER A 483 25.62 22.21 -39.06
N GLN A 484 24.66 21.64 -39.76
CA GLN A 484 24.66 20.22 -40.09
C GLN A 484 25.25 20.05 -41.49
N GLU A 485 24.84 20.91 -42.42
CA GLU A 485 25.39 20.92 -43.79
C GLU A 485 26.86 21.38 -43.79
N PRO A 486 27.13 22.69 -43.58
CA PRO A 486 28.50 23.18 -43.39
C PRO A 486 29.21 22.63 -42.13
N LYS A 487 28.63 22.85 -40.95
CA LYS A 487 29.24 22.42 -39.68
C LYS A 487 30.45 23.30 -39.33
N ALA A 488 30.19 24.59 -39.14
CA ALA A 488 31.22 25.54 -38.75
C ALA A 488 30.57 26.66 -37.94
N LEU A 489 30.98 27.91 -38.19
CA LEU A 489 30.43 29.05 -37.46
C LEU A 489 29.40 29.79 -38.31
N VAL A 490 28.24 29.15 -38.44
CA VAL A 490 27.07 29.67 -39.19
C VAL A 490 26.76 31.12 -38.84
N SER A 491 26.81 31.44 -37.54
CA SER A 491 26.53 32.79 -37.06
C SER A 491 27.43 33.18 -35.88
N GLU A 492 26.91 33.00 -34.66
CA GLU A 492 27.52 33.50 -33.43
C GLU A 492 27.04 34.91 -33.12
N TRP A 493 26.24 35.02 -32.07
CA TRP A 493 25.76 36.30 -31.57
C TRP A 493 26.88 36.93 -30.72
N LYS A 494 26.53 37.98 -29.99
CA LYS A 494 27.43 38.64 -29.03
C LYS A 494 26.72 39.92 -28.60
N GLU A 495 26.57 40.12 -27.29
CA GLU A 495 25.92 41.30 -26.76
C GLU A 495 26.59 42.58 -27.24
N PRO A 496 25.80 43.53 -27.73
CA PRO A 496 26.33 44.79 -28.22
C PRO A 496 26.90 45.66 -27.10
N GLN A 497 28.08 45.29 -26.61
CA GLN A 497 28.74 46.02 -25.53
C GLN A 497 29.86 45.17 -24.93
N ALA A 498 29.94 43.92 -25.37
CA ALA A 498 30.96 42.98 -24.88
C ALA A 498 30.61 42.41 -23.49
N LYS A 499 29.31 42.24 -23.26
CA LYS A 499 28.78 41.82 -21.97
C LYS A 499 28.42 40.35 -21.91
N ASN A 500 28.68 39.74 -20.76
CA ASN A 500 28.45 38.31 -20.52
C ASN A 500 27.01 37.87 -20.29
N ILE A 501 26.66 36.74 -20.90
CA ILE A 501 25.39 36.09 -20.64
C ILE A 501 25.44 35.48 -19.25
N SER A 502 24.43 35.79 -18.44
CA SER A 502 24.32 35.33 -17.07
C SER A 502 23.42 34.11 -16.98
N VAL A 503 22.31 34.13 -17.71
CA VAL A 503 21.31 33.06 -17.62
C VAL A 503 20.86 32.63 -19.01
N ALA A 504 21.04 31.36 -19.33
CA ALA A 504 20.63 30.80 -20.61
C ALA A 504 19.11 30.59 -20.75
N SER A 505 18.75 29.79 -21.76
CA SER A 505 17.37 29.38 -22.10
C SER A 505 17.25 29.03 -23.58
N CYS A 506 16.37 28.07 -23.90
CA CYS A 506 16.12 27.61 -25.27
C CYS A 506 15.35 26.29 -25.32
N ASN A 507 14.75 26.02 -26.48
CA ASN A 507 14.10 24.73 -26.72
C ASN A 507 14.71 24.01 -27.93
N SER A 508 14.25 24.37 -29.14
CA SER A 508 14.79 23.85 -30.40
C SER A 508 14.52 24.84 -31.52
N SER A 509 13.90 25.96 -31.16
CA SER A 509 13.51 26.99 -32.11
C SER A 509 13.59 28.36 -31.47
N GLN A 510 13.16 28.44 -30.21
CA GLN A 510 13.19 29.67 -29.44
C GLN A 510 14.52 29.82 -28.71
N VAL A 511 15.00 31.06 -28.60
CA VAL A 511 16.20 31.38 -27.81
C VAL A 511 15.95 32.63 -26.97
N VAL A 512 16.16 32.51 -25.66
CA VAL A 512 16.15 33.64 -24.72
C VAL A 512 17.39 33.59 -23.81
N VAL A 513 18.16 34.67 -23.81
CA VAL A 513 19.27 34.82 -22.86
C VAL A 513 18.94 35.90 -21.80
N ALA A 514 19.81 36.11 -20.83
CA ALA A 514 19.73 37.29 -19.96
C ALA A 514 21.13 37.69 -19.57
N VAL A 515 21.31 38.97 -19.21
CA VAL A 515 22.64 39.52 -18.90
C VAL A 515 22.69 40.11 -17.49
N GLY A 516 21.63 39.89 -16.72
CA GLY A 516 21.37 40.59 -15.48
C GLY A 516 20.02 41.06 -14.98
N ARG A 517 19.42 42.01 -15.67
CA ARG A 517 18.08 42.53 -15.36
C ARG A 517 17.64 42.55 -16.80
N ALA A 518 18.61 42.50 -17.69
CA ALA A 518 18.40 42.59 -19.13
C ALA A 518 17.72 41.34 -19.66
N LEU A 519 16.96 41.52 -20.72
CA LEU A 519 16.38 40.40 -21.41
C LEU A 519 16.48 40.62 -22.90
N TYR A 520 16.71 39.54 -23.63
CA TYR A 520 16.72 39.58 -25.08
C TYR A 520 15.70 38.59 -25.70
N TYR A 521 16.11 37.91 -26.76
CA TYR A 521 15.27 36.99 -27.52
C TYR A 521 15.86 36.91 -28.93
N LEU A 522 16.36 35.73 -29.29
CA LEU A 522 16.91 35.50 -30.63
C LEU A 522 16.12 34.40 -31.37
N GLN A 523 16.41 34.23 -32.66
CA GLN A 523 15.81 33.13 -33.44
C GLN A 523 16.83 32.54 -34.40
N ILE A 524 16.89 31.21 -34.45
CA ILE A 524 17.80 30.50 -35.36
C ILE A 524 17.17 30.34 -36.75
N HIS A 525 16.75 31.45 -37.35
CA HIS A 525 16.12 31.39 -38.66
C HIS A 525 17.14 31.05 -39.73
N PRO A 526 16.72 30.24 -40.72
CA PRO A 526 17.67 29.37 -41.42
C PRO A 526 19.08 29.95 -41.60
N GLN A 527 20.00 29.48 -40.75
CA GLN A 527 21.45 29.71 -40.86
C GLN A 527 21.98 31.00 -40.24
N GLU A 528 21.26 31.51 -39.23
CA GLU A 528 21.61 32.77 -38.54
C GLU A 528 20.67 33.11 -37.37
N LEU A 529 21.21 33.86 -36.40
CA LEU A 529 20.44 34.34 -35.23
C LEU A 529 19.89 35.76 -35.39
N ARG A 530 18.57 35.90 -35.59
CA ARG A 530 17.97 37.23 -35.63
C ARG A 530 17.27 37.58 -34.34
N GLN A 531 17.58 38.77 -33.81
CA GLN A 531 17.06 39.25 -32.52
C GLN A 531 15.61 39.73 -32.65
N ILE A 532 14.96 40.01 -31.50
CA ILE A 532 13.65 40.65 -31.47
C ILE A 532 13.57 41.74 -30.40
N SER A 533 13.44 41.35 -29.13
CA SER A 533 13.11 42.29 -28.05
C SER A 533 14.27 42.60 -27.11
N HIS A 534 14.02 43.51 -26.17
CA HIS A 534 14.94 43.82 -25.07
C HIS A 534 14.13 44.51 -23.97
N THR A 535 14.33 44.09 -22.72
CA THR A 535 13.57 44.59 -21.59
C THR A 535 14.33 44.30 -20.30
N GLU A 536 14.53 45.35 -19.51
CA GLU A 536 15.19 45.27 -18.19
C GLU A 536 14.16 44.87 -17.13
N MET A 537 14.62 44.52 -15.93
CA MET A 537 13.70 44.15 -14.86
C MET A 537 14.14 44.74 -13.55
N GLU A 538 13.17 44.89 -12.66
CA GLU A 538 13.40 45.38 -11.32
C GLU A 538 14.81 45.01 -10.81
N HIS A 539 15.09 43.71 -10.82
CA HIS A 539 16.27 43.10 -10.19
C HIS A 539 16.93 42.10 -11.15
N GLU A 540 18.03 41.50 -10.69
CA GLU A 540 18.81 40.58 -11.52
C GLU A 540 18.07 39.30 -11.81
N VAL A 541 18.08 38.89 -13.08
CA VAL A 541 17.38 37.67 -13.44
C VAL A 541 18.04 36.45 -12.81
N ALA A 542 17.37 35.77 -11.89
CA ALA A 542 17.90 34.52 -11.31
C ALA A 542 17.77 33.35 -12.26
N CYS A 543 16.58 33.14 -12.82
CA CYS A 543 16.34 32.01 -13.73
C CYS A 543 15.17 32.21 -14.68
N LEU A 544 15.18 31.45 -15.78
CA LEU A 544 14.21 31.64 -16.85
C LEU A 544 13.70 30.32 -17.41
N ASP A 545 12.39 30.17 -17.53
CA ASP A 545 11.90 28.97 -18.23
C ASP A 545 11.06 29.26 -19.44
N ILE A 546 11.33 28.49 -20.48
CA ILE A 546 10.59 28.53 -21.74
C ILE A 546 10.66 27.22 -22.49
N THR A 547 9.50 26.64 -22.74
CA THR A 547 9.37 25.46 -23.58
C THR A 547 8.00 25.57 -24.24
N PRO A 548 7.97 25.57 -25.59
CA PRO A 548 6.70 25.62 -26.32
C PRO A 548 5.78 24.51 -25.85
N LEU A 549 4.86 24.87 -24.95
CA LEU A 549 4.08 23.89 -24.19
C LEU A 549 3.14 23.01 -25.05
N GLY A 550 1.86 23.37 -25.12
CA GLY A 550 0.88 22.55 -25.82
C GLY A 550 0.71 22.93 -27.27
N ASP A 551 -0.10 23.96 -27.49
CA ASP A 551 -0.44 24.46 -28.83
C ASP A 551 0.69 25.30 -29.43
N SER A 552 1.87 24.71 -29.54
CA SER A 552 3.06 25.39 -30.02
C SER A 552 4.11 24.36 -30.44
N ASN A 553 4.63 24.51 -31.67
CA ASN A 553 5.61 23.57 -32.21
C ASN A 553 6.97 24.23 -32.47
N GLY A 554 7.77 24.32 -31.41
CA GLY A 554 9.05 24.99 -31.49
C GLY A 554 8.98 26.45 -31.05
N LEU A 555 7.99 27.19 -31.55
CA LEU A 555 7.80 28.58 -31.14
C LEU A 555 6.93 28.60 -29.88
N SER A 556 7.29 29.44 -28.92
CA SER A 556 6.83 29.30 -27.53
C SER A 556 6.06 30.49 -26.91
N PRO A 557 4.80 30.23 -26.45
CA PRO A 557 3.93 31.20 -25.77
C PRO A 557 4.54 31.93 -24.56
N LEU A 558 3.81 31.97 -23.44
CA LEU A 558 4.18 32.86 -22.32
C LEU A 558 5.46 32.52 -21.55
N CYS A 559 5.67 33.19 -20.43
CA CYS A 559 6.97 33.16 -19.75
C CYS A 559 6.95 33.46 -18.25
N ALA A 560 8.00 32.96 -17.59
CA ALA A 560 8.04 32.88 -16.15
C ALA A 560 9.47 33.06 -15.71
N ILE A 561 9.63 33.77 -14.60
CA ILE A 561 10.93 34.25 -14.25
C ILE A 561 11.17 34.38 -12.74
N GLY A 562 12.38 34.09 -12.33
CA GLY A 562 12.78 34.33 -10.96
C GLY A 562 13.91 35.32 -11.02
N LEU A 563 13.81 36.29 -10.11
CA LEU A 563 14.68 37.44 -9.91
C LEU A 563 15.47 37.37 -8.65
N TRP A 564 16.46 38.22 -8.57
CA TRP A 564 17.43 38.30 -7.48
C TRP A 564 17.46 39.12 -6.19
N THR A 565 16.62 40.11 -5.89
CA THR A 565 16.83 40.82 -4.62
C THR A 565 15.68 40.75 -3.69
N ASP A 566 14.58 40.76 -4.38
CA ASP A 566 13.22 40.61 -3.90
C ASP A 566 12.81 39.13 -3.91
N ILE A 567 13.66 38.27 -4.46
CA ILE A 567 13.46 36.83 -4.39
C ILE A 567 12.02 36.50 -4.81
N SER A 568 11.75 36.66 -6.10
CA SER A 568 10.40 36.56 -6.58
C SER A 568 10.32 35.82 -7.88
N ALA A 569 9.13 35.37 -8.22
CA ALA A 569 8.93 34.61 -9.42
C ALA A 569 7.63 35.10 -10.01
N ARG A 570 7.65 35.27 -11.34
CA ARG A 570 6.67 36.10 -11.99
C ARG A 570 6.39 35.74 -13.43
N ILE A 571 5.10 35.78 -13.73
CA ILE A 571 4.50 35.36 -14.97
C ILE A 571 4.52 36.51 -15.96
N LEU A 572 5.10 36.27 -17.12
CA LEU A 572 5.23 37.29 -18.17
C LEU A 572 4.88 36.71 -19.55
N LYS A 573 4.87 37.55 -20.58
CA LYS A 573 4.54 37.10 -21.95
C LYS A 573 5.80 37.01 -22.84
N LEU A 574 5.73 37.47 -24.09
CA LEU A 574 6.89 37.33 -24.99
C LEU A 574 7.43 38.60 -25.68
N PRO A 575 7.20 38.81 -27.01
CA PRO A 575 7.98 39.90 -27.62
C PRO A 575 7.80 41.20 -26.85
N SER A 576 6.65 41.33 -26.20
CA SER A 576 6.36 42.41 -25.27
C SER A 576 7.21 42.32 -24.00
N PHE A 577 7.05 41.22 -23.25
CA PHE A 577 7.64 41.02 -21.93
C PHE A 577 6.79 41.69 -20.84
N GLU A 578 5.48 41.52 -20.90
CA GLU A 578 4.59 42.20 -19.97
C GLU A 578 4.27 41.39 -18.70
N LEU A 579 4.59 41.98 -17.56
CA LEU A 579 4.30 41.43 -16.22
C LEU A 579 2.81 41.21 -15.96
N LEU A 580 2.45 39.98 -15.65
CA LEU A 580 1.08 39.60 -15.31
C LEU A 580 0.90 39.55 -13.79
N HIS A 581 0.57 38.35 -13.30
CA HIS A 581 0.58 38.05 -11.87
C HIS A 581 1.99 37.63 -11.43
N LYS A 582 2.20 37.59 -10.13
CA LYS A 582 3.49 37.26 -9.57
C LYS A 582 3.39 36.75 -8.12
N GLU A 583 4.41 36.05 -7.67
CA GLU A 583 4.48 35.71 -6.25
C GLU A 583 5.73 36.30 -5.62
N MET A 584 5.57 36.82 -4.40
CA MET A 584 6.67 37.38 -3.66
C MET A 584 7.15 36.40 -2.59
N LEU A 585 7.66 35.24 -3.03
CA LEU A 585 8.23 34.24 -2.10
C LEU A 585 9.16 34.88 -1.09
N GLY A 586 9.18 34.34 0.12
CA GLY A 586 9.98 34.94 1.19
C GLY A 586 11.45 34.66 0.97
N GLY A 587 12.23 34.83 2.04
CA GLY A 587 13.61 34.37 2.05
C GLY A 587 14.63 35.31 1.42
N GLU A 588 15.86 35.18 1.89
CA GLU A 588 17.01 35.92 1.37
C GLU A 588 17.71 35.10 0.27
N ILE A 589 17.28 33.85 0.12
CA ILE A 589 17.85 32.92 -0.87
C ILE A 589 17.08 32.90 -2.20
N ILE A 590 17.86 32.88 -3.27
CA ILE A 590 17.38 33.03 -4.65
C ILE A 590 16.94 31.76 -5.33
N PRO A 591 15.81 31.85 -6.04
CA PRO A 591 15.24 30.80 -6.83
C PRO A 591 16.30 30.39 -7.83
N ARG A 592 16.87 29.21 -7.67
CA ARG A 592 17.97 28.81 -8.54
C ARG A 592 17.47 28.13 -9.83
N SER A 593 16.16 28.02 -9.98
CA SER A 593 15.61 27.24 -11.08
C SER A 593 14.11 27.33 -11.15
N ILE A 594 13.60 27.64 -12.34
CA ILE A 594 12.18 27.80 -12.54
C ILE A 594 11.79 26.89 -13.71
N LEU A 595 10.66 26.20 -13.59
CA LEU A 595 10.25 25.30 -14.66
C LEU A 595 8.78 25.35 -14.97
N MET A 596 8.48 25.40 -16.27
CA MET A 596 7.15 25.24 -16.84
C MET A 596 7.09 23.96 -17.67
N THR A 597 5.97 23.25 -17.57
CA THR A 597 5.80 21.95 -18.25
C THR A 597 4.36 21.62 -18.64
N THR A 598 4.16 20.36 -19.05
CA THR A 598 2.85 19.75 -19.33
C THR A 598 2.95 18.30 -18.82
N PHE A 599 1.81 17.65 -18.56
CA PHE A 599 1.85 16.26 -18.06
C PHE A 599 0.85 15.27 -18.69
N GLU A 600 -0.31 15.10 -18.07
CA GLU A 600 -1.38 14.31 -18.69
C GLU A 600 -2.24 15.29 -19.47
N SER A 601 -2.92 16.15 -18.74
CA SER A 601 -3.66 17.26 -19.30
C SER A 601 -3.64 18.41 -18.30
N SER A 602 -2.49 19.09 -18.23
CA SER A 602 -2.30 20.25 -17.36
C SER A 602 -0.95 20.92 -17.62
N HIS A 603 -0.86 22.21 -17.31
CA HIS A 603 0.39 22.95 -17.39
C HIS A 603 0.80 23.44 -15.99
N TYR A 604 2.10 23.44 -15.72
CA TYR A 604 2.63 23.63 -14.38
C TYR A 604 3.77 24.64 -14.29
N LEU A 605 3.84 25.33 -13.15
CA LEU A 605 4.95 26.22 -12.84
C LEU A 605 5.65 25.84 -11.55
N LEU A 606 6.93 25.54 -11.68
CA LEU A 606 7.73 25.02 -10.58
C LEU A 606 8.92 25.90 -10.35
N CYS A 607 9.21 26.12 -9.09
CA CYS A 607 10.34 26.94 -8.74
C CYS A 607 11.17 26.43 -7.59
N ALA A 608 12.42 26.07 -7.86
CA ALA A 608 13.33 25.63 -6.80
C ALA A 608 14.15 26.78 -6.35
N LEU A 609 14.30 26.90 -5.03
CA LEU A 609 15.21 27.87 -4.48
C LEU A 609 16.50 27.16 -4.11
N GLY A 610 17.45 27.92 -3.59
CA GLY A 610 18.77 27.40 -3.32
C GLY A 610 18.90 26.84 -1.92
N ASP A 611 17.93 27.12 -1.07
CA ASP A 611 17.90 26.61 0.32
C ASP A 611 17.66 25.11 0.30
N GLY A 612 17.13 24.64 -0.83
CA GLY A 612 16.79 23.26 -1.04
C GLY A 612 15.30 23.08 -1.26
N ALA A 613 14.53 24.00 -0.68
CA ALA A 613 13.07 23.93 -0.67
C ALA A 613 12.50 24.21 -2.04
N LEU A 614 11.21 23.95 -2.23
CA LEU A 614 10.57 24.23 -3.51
C LEU A 614 9.15 24.80 -3.38
N PHE A 615 8.59 25.33 -4.46
CA PHE A 615 7.24 25.89 -4.51
C PHE A 615 6.80 25.34 -5.83
N TYR A 616 5.56 24.86 -5.96
CA TYR A 616 5.03 24.29 -7.20
C TYR A 616 3.75 25.12 -7.42
N PHE A 617 3.34 25.42 -8.64
CA PHE A 617 2.13 26.21 -8.85
C PHE A 617 1.58 25.79 -10.22
N GLY A 618 0.29 26.01 -10.51
CA GLY A 618 -0.23 25.63 -11.81
C GLY A 618 -0.37 26.82 -12.75
N LEU A 619 0.19 26.65 -13.94
CA LEU A 619 0.20 27.68 -14.96
C LEU A 619 -0.94 27.48 -15.95
N ASN A 620 -1.37 28.58 -16.57
CA ASN A 620 -2.42 28.51 -17.57
C ASN A 620 -1.92 29.04 -18.89
N ILE A 621 -1.70 28.12 -19.83
CA ILE A 621 -1.30 28.45 -21.20
C ILE A 621 -2.06 29.64 -21.78
N GLU A 622 -3.27 29.86 -21.27
CA GLU A 622 -4.14 30.93 -21.73
C GLU A 622 -4.08 32.13 -20.77
N THR A 623 -4.40 31.89 -19.51
CA THR A 623 -4.69 32.96 -18.55
C THR A 623 -3.47 33.37 -17.71
N GLY A 624 -2.77 32.37 -17.16
CA GLY A 624 -1.52 32.57 -16.44
C GLY A 624 -1.60 33.36 -15.14
N LEU A 625 -1.91 32.67 -14.05
CA LEU A 625 -2.04 33.29 -12.72
C LEU A 625 -1.65 32.30 -11.60
N LEU A 626 -1.93 32.64 -10.33
CA LEU A 626 -1.67 31.78 -9.15
C LEU A 626 -2.27 30.36 -9.19
N SER A 627 -2.07 29.58 -8.12
CA SER A 627 -2.62 28.23 -7.95
C SER A 627 -2.67 27.76 -6.50
N ASP A 628 -1.55 27.21 -6.03
CA ASP A 628 -1.47 26.64 -4.66
C ASP A 628 -0.13 26.89 -3.97
N ARG A 629 -0.16 27.67 -2.89
CA ARG A 629 1.05 28.01 -2.15
C ARG A 629 1.44 26.90 -1.17
N LYS A 630 2.63 26.34 -1.36
CA LYS A 630 3.12 25.28 -0.49
C LYS A 630 4.53 24.85 -0.87
N LYS A 631 5.50 25.23 -0.04
CA LYS A 631 6.89 24.89 -0.29
C LYS A 631 7.23 23.51 0.27
N VAL A 632 8.22 22.86 -0.32
CA VAL A 632 8.64 21.52 0.12
C VAL A 632 10.14 21.37 0.07
N THR A 633 10.74 21.04 1.22
CA THR A 633 12.18 20.86 1.31
C THR A 633 12.63 19.58 0.62
N LEU A 634 13.87 19.56 0.15
CA LEU A 634 14.41 18.40 -0.54
C LEU A 634 15.94 18.38 -0.46
N GLY A 635 16.57 18.83 -1.54
CA GLY A 635 18.03 18.88 -1.60
C GLY A 635 18.58 20.14 -0.95
N THR A 636 19.18 19.98 0.22
CA THR A 636 19.75 21.10 0.94
C THR A 636 20.48 22.03 -0.03
N GLN A 637 20.90 21.47 -1.15
CA GLN A 637 21.61 22.23 -2.17
C GLN A 637 20.67 22.62 -3.32
N PRO A 638 20.78 23.85 -3.78
CA PRO A 638 19.95 24.34 -4.88
C PRO A 638 19.51 23.18 -5.73
N THR A 639 18.24 23.17 -6.09
CA THR A 639 17.71 22.12 -6.93
C THR A 639 17.70 22.58 -8.40
N VAL A 640 18.31 21.77 -9.26
CA VAL A 640 18.23 21.96 -10.70
C VAL A 640 17.11 21.07 -11.11
N LEU A 641 16.24 21.56 -11.97
CA LEU A 641 15.15 20.77 -12.53
C LEU A 641 15.38 20.54 -14.01
N ARG A 642 15.11 19.30 -14.42
CA ARG A 642 15.19 18.92 -15.83
C ARG A 642 13.99 18.05 -16.17
N THR A 643 14.02 17.48 -17.37
CA THR A 643 12.93 16.68 -17.88
C THR A 643 13.48 15.60 -18.79
N PHE A 644 12.99 14.38 -18.59
CA PHE A 644 13.62 13.16 -19.10
C PHE A 644 12.68 12.24 -19.89
N ARG A 645 13.28 11.25 -20.56
CA ARG A 645 12.55 10.22 -21.28
C ARG A 645 12.17 9.04 -20.38
N SER A 646 10.90 8.67 -20.42
CA SER A 646 10.35 7.59 -19.62
C SER A 646 9.37 6.74 -20.43
N LEU A 647 8.18 7.28 -20.68
CA LEU A 647 7.11 6.56 -21.39
C LEU A 647 6.22 7.54 -22.17
N SER A 648 5.16 8.03 -21.53
CA SER A 648 4.25 9.01 -22.09
C SER A 648 4.22 10.24 -21.20
N THR A 649 3.87 10.02 -19.93
CA THR A 649 3.67 11.07 -18.95
C THR A 649 4.96 11.80 -18.58
N THR A 650 6.03 11.49 -19.31
CA THR A 650 7.39 12.06 -19.18
C THR A 650 7.54 13.23 -18.21
N ASN A 651 8.47 13.08 -17.29
CA ASN A 651 8.40 13.85 -16.05
C ASN A 651 9.61 14.71 -15.74
N VAL A 652 9.58 15.30 -14.55
CA VAL A 652 10.62 16.23 -14.07
C VAL A 652 11.52 15.61 -13.00
N PHE A 653 12.82 15.71 -13.24
CA PHE A 653 13.87 15.26 -12.34
C PHE A 653 14.39 16.42 -11.50
N ALA A 654 14.36 16.26 -10.19
CA ALA A 654 14.95 17.21 -9.25
C ALA A 654 16.38 16.79 -8.81
N CYS A 655 17.40 17.59 -9.18
CA CYS A 655 18.78 17.29 -8.77
C CYS A 655 19.11 18.00 -7.49
N SER A 656 19.60 17.27 -6.50
CA SER A 656 20.01 17.85 -5.22
C SER A 656 20.92 16.87 -4.48
N ASP A 657 21.30 17.21 -3.25
CA ASP A 657 21.80 16.18 -2.34
C ASP A 657 20.76 15.07 -2.20
N ARG A 658 19.48 15.43 -2.14
CA ARG A 658 18.38 14.47 -2.08
C ARG A 658 17.61 14.38 -3.43
N PRO A 659 18.17 13.64 -4.41
CA PRO A 659 17.56 13.62 -5.72
C PRO A 659 16.14 13.09 -5.67
N THR A 660 15.26 13.75 -6.41
CA THR A 660 13.87 13.45 -6.34
C THR A 660 13.36 13.34 -7.75
N VAL A 661 12.38 12.47 -7.97
CA VAL A 661 11.55 12.62 -9.11
C VAL A 661 10.21 13.19 -8.69
N ILE A 662 9.56 13.79 -9.67
CA ILE A 662 8.24 14.38 -9.57
C ILE A 662 7.37 13.66 -10.61
N TYR A 663 6.55 12.71 -10.17
CA TYR A 663 5.66 11.88 -11.00
C TYR A 663 4.40 12.60 -11.55
N SER A 664 3.25 11.93 -11.40
CA SER A 664 1.93 12.41 -11.84
C SER A 664 0.86 11.44 -11.31
N SER A 665 0.47 11.65 -10.05
CA SER A 665 -0.49 10.90 -9.23
C SER A 665 -1.88 10.89 -9.91
N ASN A 666 -2.92 11.19 -9.15
CA ASN A 666 -4.29 11.24 -9.66
C ASN A 666 -4.54 12.54 -10.44
N HIS A 667 -3.71 12.75 -11.46
CA HIS A 667 -3.53 14.06 -12.11
C HIS A 667 -2.85 15.02 -11.13
N LYS A 668 -2.18 14.45 -10.15
CA LYS A 668 -1.30 15.22 -9.29
C LYS A 668 0.14 14.94 -9.70
N LEU A 669 1.09 15.19 -8.80
CA LEU A 669 2.51 15.08 -9.12
C LEU A 669 3.25 14.41 -7.98
N VAL A 670 3.89 13.34 -8.25
CA VAL A 670 4.55 12.53 -7.23
C VAL A 670 5.84 13.22 -6.80
N PHE A 671 6.33 12.81 -5.63
CA PHE A 671 7.55 13.37 -5.06
C PHE A 671 8.44 12.30 -4.42
N SER A 672 8.77 11.29 -5.22
CA SER A 672 9.53 10.13 -4.76
C SER A 672 11.05 10.34 -4.78
N ASN A 673 11.71 9.88 -3.72
CA ASN A 673 13.17 9.79 -3.69
C ASN A 673 13.79 8.95 -4.80
N VAL A 674 15.01 9.33 -5.16
CA VAL A 674 15.83 8.57 -6.10
C VAL A 674 17.00 7.98 -5.37
N ASN A 675 17.27 6.72 -5.66
CA ASN A 675 18.30 6.01 -4.95
C ASN A 675 19.71 6.32 -5.45
N LEU A 676 20.08 7.60 -5.50
CA LEU A 676 21.46 7.98 -5.78
C LEU A 676 22.12 8.80 -4.69
N LYS A 677 23.44 8.83 -4.74
CA LYS A 677 24.27 9.47 -3.75
C LYS A 677 23.99 10.96 -3.80
N GLU A 678 24.07 11.54 -4.99
CA GLU A 678 23.74 12.94 -5.23
C GLU A 678 23.65 13.10 -6.71
N VAL A 679 22.83 14.04 -7.17
CA VAL A 679 22.86 14.40 -8.56
C VAL A 679 22.97 15.91 -8.67
N ASN A 680 23.83 16.36 -9.58
CA ASN A 680 24.07 17.77 -9.86
C ASN A 680 23.25 18.25 -11.03
N TYR A 681 23.45 17.60 -12.17
CA TYR A 681 22.65 17.89 -13.39
C TYR A 681 22.43 16.55 -14.00
N MET A 682 21.49 16.50 -14.93
CA MET A 682 20.90 15.28 -15.39
C MET A 682 20.16 15.58 -16.69
N CYS A 683 20.24 14.68 -17.68
CA CYS A 683 19.48 14.85 -18.92
C CYS A 683 19.17 13.52 -19.60
N PRO A 684 18.10 13.47 -20.44
CA PRO A 684 17.75 12.28 -21.23
C PRO A 684 18.85 11.85 -22.21
N LEU A 685 18.60 10.83 -23.02
CA LEU A 685 19.62 10.27 -23.93
C LEU A 685 19.06 9.15 -24.82
N ASN A 686 19.89 8.65 -25.74
CA ASN A 686 19.52 7.53 -26.63
C ASN A 686 20.61 6.96 -27.58
N SER A 687 21.89 7.21 -27.27
CA SER A 687 23.02 6.73 -28.09
C SER A 687 22.87 5.28 -28.63
N ASP A 688 23.44 5.00 -29.81
CA ASP A 688 23.43 3.63 -30.35
C ASP A 688 24.40 2.75 -29.55
N GLY A 689 24.08 2.61 -28.27
CA GLY A 689 24.99 2.05 -27.27
C GLY A 689 24.70 2.52 -25.83
N TYR A 690 23.75 3.47 -25.72
CA TYR A 690 23.16 3.91 -24.45
C TYR A 690 21.71 4.41 -24.67
N PRO A 691 20.82 3.51 -25.09
CA PRO A 691 19.43 3.86 -25.34
C PRO A 691 18.80 4.56 -24.12
N ASP A 692 17.59 5.07 -24.30
CA ASP A 692 16.89 5.76 -23.22
C ASP A 692 17.61 5.57 -21.89
N SER A 693 18.27 6.63 -21.51
CA SER A 693 19.03 6.64 -20.34
C SER A 693 19.10 8.11 -20.10
N LEU A 694 19.33 8.47 -18.87
CA LEU A 694 19.41 9.83 -18.52
C LEU A 694 20.79 9.94 -18.01
N ALA A 695 21.61 10.80 -18.56
CA ALA A 695 22.92 10.81 -17.92
C ALA A 695 22.90 11.65 -16.65
N LEU A 696 23.53 11.14 -15.60
CA LEU A 696 23.59 11.85 -14.32
C LEU A 696 25.04 12.19 -13.95
N ALA A 697 25.21 13.35 -13.32
CA ALA A 697 26.54 13.80 -12.91
C ALA A 697 26.51 14.38 -11.50
N ASN A 698 27.46 13.97 -10.67
CA ASN A 698 27.55 14.44 -9.31
C ASN A 698 28.90 15.12 -9.16
N ASN A 699 29.34 15.29 -7.91
CA ASN A 699 30.66 15.83 -7.59
C ASN A 699 31.69 15.43 -8.64
N SER A 700 31.92 14.13 -8.79
CA SER A 700 32.78 13.60 -9.84
C SER A 700 32.34 12.25 -10.36
N THR A 701 31.67 12.24 -11.52
CA THR A 701 31.29 11.00 -12.22
C THR A 701 30.12 11.23 -13.17
N LEU A 702 30.28 10.81 -14.43
CA LEU A 702 29.14 10.75 -15.32
C LEU A 702 28.49 9.39 -15.17
N THR A 703 27.17 9.35 -15.38
CA THR A 703 26.38 8.13 -15.26
C THR A 703 25.13 8.19 -16.13
N ILE A 704 24.67 7.01 -16.52
CA ILE A 704 23.68 6.82 -17.57
C ILE A 704 22.97 5.49 -17.31
N GLY A 705 21.63 5.46 -17.38
CA GLY A 705 20.86 4.25 -17.06
C GLY A 705 19.35 4.46 -17.19
N THR A 706 18.58 3.42 -16.94
CA THR A 706 17.12 3.51 -17.04
C THR A 706 16.51 3.87 -15.69
N ILE A 707 15.21 4.16 -15.70
CA ILE A 707 14.50 4.52 -14.48
C ILE A 707 13.29 3.63 -14.25
N ASP A 708 13.17 3.10 -13.04
CA ASP A 708 12.06 2.22 -12.69
C ASP A 708 10.72 2.89 -12.98
N GLU A 709 9.69 2.49 -12.24
CA GLU A 709 8.36 3.06 -12.41
C GLU A 709 8.28 4.47 -11.84
N ILE A 710 7.71 4.59 -10.65
CA ILE A 710 7.56 5.88 -9.98
C ILE A 710 7.07 5.71 -8.55
N GLN A 711 5.75 5.58 -8.40
CA GLN A 711 5.15 5.41 -7.08
C GLN A 711 6.22 5.37 -5.99
N LYS A 712 6.16 6.35 -5.09
CA LYS A 712 7.12 6.44 -3.99
C LYS A 712 7.93 5.15 -3.84
N LEU A 713 7.20 4.05 -3.56
CA LEU A 713 7.69 2.65 -3.34
C LEU A 713 7.53 1.70 -4.53
N HIS A 714 8.47 0.76 -4.67
CA HIS A 714 8.43 -0.18 -5.78
C HIS A 714 8.19 -1.55 -5.16
N ILE A 715 7.48 -2.39 -5.90
CA ILE A 715 7.17 -3.72 -5.49
C ILE A 715 7.39 -4.82 -6.52
N ARG A 716 8.29 -5.74 -6.18
CA ARG A 716 8.61 -6.86 -7.03
C ARG A 716 7.89 -8.07 -6.55
N THR A 717 7.37 -8.82 -7.46
CA THR A 717 6.64 -9.94 -7.04
C THR A 717 6.87 -11.34 -7.50
N VAL A 718 7.36 -12.20 -6.61
CA VAL A 718 7.51 -13.61 -6.91
C VAL A 718 6.21 -14.33 -6.65
N PRO A 719 5.43 -14.60 -7.69
CA PRO A 719 4.20 -15.42 -7.49
C PRO A 719 4.53 -16.86 -7.04
N LEU A 720 3.96 -17.36 -5.93
CA LEU A 720 4.24 -18.71 -5.41
C LEU A 720 3.19 -19.75 -5.74
N TYR A 721 1.97 -19.32 -6.04
CA TYR A 721 0.87 -20.27 -6.30
C TYR A 721 0.43 -21.05 -5.11
N GLU A 722 1.28 -21.10 -4.10
CA GLU A 722 0.87 -21.64 -2.85
C GLU A 722 1.06 -20.57 -1.81
N SER A 723 0.93 -20.95 -0.54
CA SER A 723 0.76 -19.95 0.48
C SER A 723 1.92 -19.92 1.39
N PRO A 724 2.70 -18.85 1.37
CA PRO A 724 3.96 -18.91 2.15
C PRO A 724 3.58 -18.68 3.61
N ARG A 725 4.43 -19.08 4.56
CA ARG A 725 4.14 -18.92 5.97
C ARG A 725 5.21 -18.19 6.78
N LYS A 726 6.48 -18.57 6.59
CA LYS A 726 7.62 -17.88 7.32
C LYS A 726 8.73 -17.66 6.36
N ILE A 727 9.77 -16.92 6.72
CA ILE A 727 10.82 -16.66 5.76
C ILE A 727 12.11 -16.12 6.36
N CYS A 728 13.22 -16.66 5.87
CA CYS A 728 14.55 -16.32 6.41
C CYS A 728 15.53 -16.03 5.33
N TYR A 729 16.36 -15.03 5.58
CA TYR A 729 17.47 -14.77 4.70
C TYR A 729 18.72 -15.36 5.34
N GLN A 730 19.45 -16.12 4.51
CA GLN A 730 20.76 -16.71 4.82
C GLN A 730 21.77 -16.06 3.83
N GLU A 731 22.29 -14.91 4.23
CA GLU A 731 23.17 -14.16 3.35
C GLU A 731 24.33 -15.00 2.79
N VAL A 732 25.13 -15.64 3.66
CA VAL A 732 26.33 -16.40 3.21
C VAL A 732 26.06 -17.25 1.96
N SER A 733 24.85 -17.81 1.89
CA SER A 733 24.41 -18.69 0.82
C SER A 733 23.54 -17.98 -0.17
N GLN A 734 23.43 -16.65 -0.03
CA GLN A 734 22.67 -15.81 -0.96
C GLN A 734 21.32 -16.39 -1.41
N CYS A 735 20.45 -16.66 -0.44
CA CYS A 735 19.11 -17.15 -0.70
C CYS A 735 18.21 -16.95 0.50
N PHE A 736 16.91 -17.06 0.25
CA PHE A 736 15.93 -17.07 1.32
C PHE A 736 15.39 -18.47 1.46
N GLY A 737 15.19 -18.91 2.71
CA GLY A 737 14.32 -20.06 2.97
C GLY A 737 12.92 -19.54 3.22
N VAL A 738 11.92 -20.28 2.79
CA VAL A 738 10.56 -19.84 2.98
C VAL A 738 9.82 -21.08 3.31
N LEU A 739 9.06 -21.07 4.40
CA LEU A 739 8.20 -22.18 4.72
C LEU A 739 7.02 -21.87 3.90
N SER A 740 6.42 -22.89 3.32
CA SER A 740 5.25 -22.75 2.48
C SER A 740 4.40 -23.99 2.65
N SER A 741 3.15 -23.91 2.18
CA SER A 741 2.20 -24.98 2.23
C SER A 741 1.35 -24.93 0.95
N ARG A 742 1.08 -26.09 0.35
CA ARG A 742 0.01 -26.16 -0.63
C ARG A 742 -0.98 -27.17 -0.06
N ILE A 743 -2.09 -27.28 -0.76
CA ILE A 743 -3.23 -28.07 -0.39
C ILE A 743 -3.28 -29.06 -1.55
N GLU A 744 -3.90 -30.22 -1.36
CA GLU A 744 -3.90 -31.29 -2.34
C GLU A 744 -5.03 -32.19 -1.92
N VAL A 745 -5.63 -32.91 -2.87
CA VAL A 745 -6.78 -33.78 -2.53
C VAL A 745 -6.39 -35.22 -2.25
N GLN A 746 -7.24 -35.92 -1.47
CA GLN A 746 -7.16 -37.38 -1.33
C GLN A 746 -7.45 -37.96 -2.71
N ASP A 747 -6.74 -39.04 -3.04
CA ASP A 747 -6.87 -39.63 -4.37
C ASP A 747 -8.02 -40.63 -4.45
N THR A 748 -7.90 -41.57 -5.39
CA THR A 748 -8.92 -42.59 -5.58
C THR A 748 -8.85 -43.64 -4.49
N SER A 749 -7.88 -43.49 -3.60
CA SER A 749 -7.70 -44.43 -2.49
C SER A 749 -7.21 -43.72 -1.23
N GLY A 750 -6.54 -42.59 -1.42
CA GLY A 750 -6.03 -41.82 -0.31
C GLY A 750 -4.97 -40.82 -0.74
N GLY A 751 -4.09 -41.24 -1.64
CA GLY A 751 -3.04 -40.37 -2.13
C GLY A 751 -3.52 -38.97 -2.46
N THR A 752 -2.58 -38.07 -2.72
CA THR A 752 -2.92 -36.69 -3.05
C THR A 752 -2.26 -36.26 -4.35
N THR A 753 -2.99 -35.52 -5.18
CA THR A 753 -2.48 -35.05 -6.45
C THR A 753 -1.83 -33.67 -6.31
N ALA A 754 -2.27 -32.74 -7.14
CA ALA A 754 -1.74 -31.38 -7.11
C ALA A 754 -2.42 -30.50 -8.14
N LEU A 755 -3.65 -30.08 -7.84
CA LEU A 755 -4.41 -29.23 -8.74
C LEU A 755 -3.50 -28.46 -9.69
N ARG A 756 -3.04 -27.29 -9.24
CA ARG A 756 -2.16 -26.45 -10.05
C ARG A 756 -0.73 -26.49 -9.52
N PRO A 757 0.23 -26.25 -10.41
CA PRO A 757 1.64 -26.26 -10.04
C PRO A 757 1.88 -25.09 -9.09
N SER A 758 2.75 -25.29 -8.11
CA SER A 758 3.10 -24.20 -7.21
C SER A 758 4.59 -24.14 -7.16
N ALA A 759 5.11 -23.23 -6.35
CA ALA A 759 6.53 -23.10 -6.23
C ALA A 759 7.19 -24.36 -5.74
N SER A 760 6.48 -25.23 -5.06
CA SER A 760 7.15 -26.35 -4.39
C SER A 760 7.29 -27.63 -5.28
N THR A 761 6.56 -27.60 -6.38
CA THR A 761 6.47 -28.69 -7.28
C THR A 761 7.17 -28.28 -8.58
N GLN A 762 7.22 -26.98 -8.85
CA GLN A 762 7.96 -26.53 -10.01
C GLN A 762 9.41 -26.28 -9.63
N ALA A 763 9.86 -26.80 -8.51
CA ALA A 763 11.16 -26.36 -7.97
C ALA A 763 12.34 -26.81 -8.85
N LEU A 764 13.44 -26.09 -8.89
CA LEU A 764 14.57 -26.54 -9.71
C LEU A 764 15.02 -27.96 -9.35
N SER A 765 15.39 -28.14 -8.08
CA SER A 765 15.66 -29.47 -7.52
C SER A 765 14.57 -29.83 -6.49
N SER A 766 14.86 -30.75 -5.55
CA SER A 766 13.88 -31.11 -4.52
C SER A 766 14.22 -32.31 -3.58
N SER A 767 13.33 -32.60 -2.61
CA SER A 767 13.58 -33.50 -1.48
C SER A 767 12.28 -33.90 -0.82
N VAL A 768 12.31 -34.93 0.00
CA VAL A 768 11.18 -35.20 0.85
C VAL A 768 11.83 -35.68 2.09
N SER A 769 11.10 -35.68 3.20
CA SER A 769 11.72 -36.12 4.42
C SER A 769 11.83 -37.59 4.37
N SER A 770 12.99 -38.08 4.77
CA SER A 770 13.14 -39.51 4.88
C SER A 770 12.71 -39.91 6.29
N SER A 771 13.36 -39.35 7.31
CA SER A 771 13.05 -39.57 8.75
C SER A 771 11.86 -40.45 9.16
N LYS A 772 12.11 -41.40 10.06
CA LYS A 772 11.14 -42.44 10.36
C LYS A 772 10.58 -42.31 11.76
N LEU A 773 10.84 -41.17 12.39
CA LEU A 773 10.61 -40.92 13.83
C LEU A 773 9.23 -41.29 14.42
N PHE A 774 8.27 -41.65 13.56
CA PHE A 774 6.88 -41.92 13.97
C PHE A 774 6.39 -43.30 13.51
N SER A 775 5.12 -43.58 13.80
CA SER A 775 4.48 -44.85 13.44
C SER A 775 3.24 -45.24 14.28
N SER A 776 2.06 -45.07 13.69
CA SER A 776 0.75 -45.40 14.29
C SER A 776 0.05 -45.69 12.92
N GLY A 786 -12.18 -35.28 -2.45
CA GLY A 786 -12.63 -35.36 -1.05
C GLY A 786 -11.69 -34.70 -0.05
N GLU A 787 -10.99 -35.53 0.73
CA GLU A 787 -10.17 -35.07 1.87
C GLU A 787 -9.04 -34.09 1.49
N GLU A 788 -9.06 -32.91 2.09
CA GLU A 788 -8.04 -31.89 1.84
C GLU A 788 -6.91 -32.04 2.84
N VAL A 789 -5.68 -31.91 2.36
CA VAL A 789 -4.53 -31.99 3.22
C VAL A 789 -3.61 -30.83 2.82
N GLU A 790 -2.70 -30.47 3.71
CA GLU A 790 -1.75 -29.47 3.42
C GLU A 790 -0.43 -30.15 3.24
N VAL A 791 0.42 -29.66 2.36
CA VAL A 791 1.74 -30.26 2.26
C VAL A 791 2.62 -29.07 2.43
N HIS A 792 3.65 -29.21 3.25
CA HIS A 792 4.46 -28.10 3.68
C HIS A 792 5.88 -28.28 3.25
N ASN A 793 6.59 -27.19 2.94
CA ASN A 793 7.93 -27.27 2.40
C ASN A 793 8.79 -26.19 2.95
N LEU A 794 10.10 -26.41 2.98
CA LEU A 794 11.11 -25.37 3.06
C LEU A 794 11.49 -25.12 1.60
N LEU A 795 11.76 -23.89 1.18
CA LEU A 795 12.00 -23.59 -0.23
C LEU A 795 13.30 -22.87 -0.29
N ILE A 796 14.20 -23.18 -1.20
CA ILE A 796 15.35 -22.32 -1.23
C ILE A 796 15.15 -21.35 -2.36
N ILE A 797 15.12 -20.07 -2.06
CA ILE A 797 14.89 -19.04 -3.09
C ILE A 797 16.16 -18.23 -3.39
N ASP A 798 16.57 -18.25 -4.67
CA ASP A 798 17.75 -17.46 -5.00
C ASP A 798 17.41 -15.99 -4.72
N GLN A 799 18.29 -15.31 -3.98
CA GLN A 799 18.04 -13.88 -3.76
C GLN A 799 18.12 -13.05 -5.05
N HIS A 800 18.81 -13.54 -6.07
CA HIS A 800 19.01 -12.68 -7.23
C HIS A 800 17.89 -12.90 -8.21
N THR A 801 17.53 -14.15 -8.33
CA THR A 801 16.69 -14.54 -9.42
C THR A 801 15.25 -14.85 -8.96
N PHE A 802 15.12 -15.12 -7.66
CA PHE A 802 13.87 -15.53 -7.00
C PHE A 802 13.28 -16.77 -7.68
N GLU A 803 14.21 -17.65 -8.01
CA GLU A 803 13.93 -19.00 -8.49
C GLU A 803 13.91 -19.85 -7.25
N VAL A 804 13.01 -20.83 -7.28
CA VAL A 804 12.98 -21.87 -6.27
C VAL A 804 14.16 -22.89 -6.48
N LEU A 805 15.37 -22.50 -6.05
CA LEU A 805 16.53 -23.34 -6.16
C LEU A 805 16.18 -24.80 -5.79
N HIS A 806 15.73 -25.01 -4.55
CA HIS A 806 15.41 -26.33 -4.04
C HIS A 806 14.07 -26.33 -3.24
N ALA A 807 13.34 -27.45 -3.27
CA ALA A 807 12.21 -27.68 -2.32
C ALA A 807 12.39 -28.91 -1.43
N HIS A 808 12.31 -28.72 -0.10
CA HIS A 808 12.22 -29.86 0.79
C HIS A 808 10.78 -30.16 1.25
N GLN A 809 10.23 -31.29 0.87
CA GLN A 809 8.90 -31.65 1.36
C GLN A 809 8.93 -32.34 2.71
N PHE A 810 8.00 -31.98 3.58
CA PHE A 810 8.04 -32.45 4.95
C PHE A 810 7.17 -33.66 5.00
N LEU A 811 7.04 -34.26 6.19
CA LEU A 811 6.34 -35.55 6.30
C LEU A 811 4.88 -35.37 6.05
N GLN A 812 4.18 -36.47 5.74
CA GLN A 812 2.75 -36.42 5.75
C GLN A 812 2.31 -35.81 7.07
N ASN A 813 1.44 -34.81 6.99
CA ASN A 813 0.83 -34.15 8.16
C ASN A 813 1.75 -33.42 9.09
N GLU A 814 2.96 -33.16 8.61
CA GLU A 814 3.88 -32.33 9.35
C GLU A 814 3.86 -30.88 8.87
N TYR A 815 3.86 -29.98 9.86
CA TYR A 815 3.77 -28.54 9.67
C TYR A 815 5.00 -27.87 10.05
N ALA A 816 5.61 -27.19 9.08
CA ALA A 816 6.70 -26.34 9.41
C ALA A 816 6.05 -25.06 9.97
N LEU A 817 6.53 -24.57 11.10
CA LEU A 817 5.86 -23.41 11.70
C LEU A 817 6.83 -22.32 12.09
N SER A 818 8.10 -22.69 12.22
CA SER A 818 9.11 -21.76 12.61
C SER A 818 10.38 -21.90 11.77
N LEU A 819 11.02 -20.79 11.43
CA LEU A 819 12.19 -20.91 10.59
C LEU A 819 13.37 -20.06 10.97
N VAL A 820 14.50 -20.64 11.31
CA VAL A 820 15.67 -19.78 11.50
C VAL A 820 16.76 -20.10 10.52
N SER A 821 17.70 -19.19 10.44
CA SER A 821 18.89 -19.41 9.68
C SER A 821 19.99 -18.88 10.58
N CYS A 822 20.79 -19.78 11.12
CA CYS A 822 21.81 -19.33 12.02
C CYS A 822 23.00 -20.28 12.04
N LYS A 823 24.10 -19.79 12.62
CA LYS A 823 25.22 -20.61 13.06
C LYS A 823 24.92 -21.04 14.46
N LEU A 824 25.25 -22.29 14.77
CA LEU A 824 25.01 -22.80 16.12
C LEU A 824 26.29 -23.27 16.81
N GLY A 825 26.42 -22.96 18.11
CA GLY A 825 27.62 -23.25 18.90
C GLY A 825 28.95 -22.86 18.26
N LYS A 826 30.00 -23.63 18.57
CA LYS A 826 31.36 -23.48 17.99
C LYS A 826 31.41 -23.71 16.45
N ASP A 827 30.56 -24.65 16.02
CA ASP A 827 30.27 -24.96 14.61
C ASP A 827 30.16 -23.75 13.67
N PRO A 828 31.14 -23.62 12.75
CA PRO A 828 31.25 -22.45 11.88
C PRO A 828 30.36 -22.62 10.63
N ASN A 829 29.30 -23.41 10.77
CA ASN A 829 28.37 -23.62 9.68
C ASN A 829 27.02 -22.98 9.92
N THR A 830 26.31 -22.65 8.84
CA THR A 830 25.06 -21.91 8.97
C THR A 830 23.85 -22.69 8.50
N TYR A 831 22.91 -22.88 9.42
CA TYR A 831 21.80 -23.79 9.17
C TYR A 831 20.44 -23.08 8.87
N PHE A 832 19.52 -23.84 8.29
CA PHE A 832 18.14 -23.46 8.20
C PHE A 832 17.41 -24.43 9.14
N ILE A 833 17.08 -23.98 10.33
CA ILE A 833 16.40 -24.87 11.26
C ILE A 833 14.91 -24.64 11.14
N VAL A 834 14.12 -25.67 11.37
CA VAL A 834 12.71 -25.55 11.11
C VAL A 834 11.93 -26.30 12.13
N GLY A 835 11.10 -25.60 12.89
CA GLY A 835 10.26 -26.23 13.91
C GLY A 835 8.95 -26.64 13.29
N THR A 836 8.43 -27.77 13.74
CA THR A 836 7.30 -28.40 13.03
C THR A 836 6.27 -29.01 13.96
N ALA A 837 5.29 -29.71 13.41
CA ALA A 837 4.19 -30.14 14.24
C ALA A 837 3.31 -31.20 13.59
N MET A 838 3.12 -32.31 14.25
CA MET A 838 2.47 -33.38 13.56
C MET A 838 1.00 -33.23 13.78
N VAL A 839 0.23 -32.92 12.74
CA VAL A 839 -1.08 -32.33 12.98
C VAL A 839 -2.21 -33.19 12.51
N TYR A 840 -2.98 -33.74 13.45
CA TYR A 840 -4.17 -34.45 13.03
C TYR A 840 -5.46 -33.87 13.56
N PRO A 841 -6.49 -33.75 12.68
CA PRO A 841 -7.89 -33.27 12.96
C PRO A 841 -8.63 -33.92 14.14
N GLU A 842 -7.98 -34.87 14.80
CA GLU A 842 -8.58 -35.55 15.95
C GLU A 842 -8.45 -34.72 17.21
N GLU A 843 -7.24 -34.28 17.51
CA GLU A 843 -6.99 -33.47 18.70
C GLU A 843 -7.02 -31.98 18.37
N ALA A 844 -6.18 -31.21 19.04
CA ALA A 844 -6.12 -29.76 18.82
C ALA A 844 -5.06 -29.11 19.71
N GLU A 845 -3.89 -29.74 19.75
CA GLU A 845 -2.77 -29.26 20.55
C GLU A 845 -1.59 -30.22 20.40
N PRO A 846 -1.20 -30.45 19.16
CA PRO A 846 -0.09 -31.35 18.82
C PRO A 846 0.75 -31.84 20.00
N LYS A 847 1.00 -33.15 20.05
CA LYS A 847 1.80 -33.77 21.09
C LYS A 847 3.15 -34.20 20.53
N GLN A 848 3.28 -34.16 19.21
CA GLN A 848 4.57 -34.42 18.59
C GLN A 848 4.94 -33.43 17.50
N GLY A 849 6.23 -33.22 17.32
CA GLY A 849 6.72 -32.43 16.19
C GLY A 849 8.23 -32.49 16.20
N ARG A 850 8.86 -31.76 15.30
CA ARG A 850 10.32 -31.81 15.25
C ARG A 850 11.07 -30.54 14.97
N ILE A 851 12.32 -30.59 15.33
CA ILE A 851 13.21 -29.57 14.96
C ILE A 851 14.21 -30.17 13.97
N VAL A 852 14.36 -29.60 12.79
CA VAL A 852 15.25 -30.19 11.82
C VAL A 852 16.35 -29.22 11.45
N VAL A 853 17.58 -29.69 11.39
CA VAL A 853 18.61 -28.77 11.06
C VAL A 853 19.13 -28.99 9.67
N PHE A 854 18.89 -28.05 8.77
CA PHE A 854 19.31 -28.23 7.38
C PHE A 854 20.57 -27.44 7.06
N GLN A 855 21.36 -27.98 6.13
CA GLN A 855 22.34 -27.14 5.47
C GLN A 855 22.19 -27.18 3.96
N TYR A 856 22.42 -26.01 3.38
CA TYR A 856 22.38 -25.80 1.95
C TYR A 856 23.83 -25.66 1.45
N SER A 857 24.27 -26.67 0.70
CA SER A 857 25.67 -26.83 0.30
C SER A 857 25.96 -26.10 -1.03
N ASP A 858 26.80 -26.71 -1.89
CA ASP A 858 27.13 -26.13 -3.19
C ASP A 858 25.84 -25.79 -3.92
N GLY A 859 25.03 -26.81 -4.18
CA GLY A 859 23.67 -26.63 -4.66
C GLY A 859 22.73 -27.50 -3.86
N LYS A 860 23.20 -27.87 -2.67
CA LYS A 860 22.67 -29.03 -1.93
C LYS A 860 22.00 -28.71 -0.56
N LEU A 861 20.97 -29.47 -0.21
CA LEU A 861 20.31 -29.36 1.09
C LEU A 861 20.59 -30.60 1.94
N GLN A 862 21.46 -30.46 2.93
CA GLN A 862 21.83 -31.59 3.80
C GLN A 862 21.02 -31.58 5.14
N THR A 863 20.12 -32.56 5.30
CA THR A 863 19.44 -32.74 6.59
C THR A 863 20.54 -33.07 7.59
N VAL A 864 20.96 -32.06 8.34
CA VAL A 864 22.11 -32.20 9.26
C VAL A 864 21.71 -32.92 10.53
N ALA A 865 20.52 -32.68 11.04
CA ALA A 865 20.15 -33.18 12.35
C ALA A 865 18.67 -33.07 12.50
N GLU A 866 18.06 -34.00 13.22
CA GLU A 866 16.68 -33.82 13.63
C GLU A 866 16.52 -34.06 15.11
N LYS A 867 15.33 -33.76 15.62
CA LYS A 867 15.07 -33.79 17.05
C LYS A 867 13.59 -34.00 17.23
N GLU A 868 13.16 -35.06 17.90
CA GLU A 868 11.73 -35.21 18.09
C GLU A 868 11.39 -34.24 19.20
N VAL A 869 10.14 -33.81 19.22
CA VAL A 869 9.64 -32.98 20.33
C VAL A 869 8.20 -33.37 20.67
N LYS A 870 7.77 -33.03 21.88
CA LYS A 870 6.45 -33.45 22.39
C LYS A 870 5.41 -32.33 22.33
N GLY A 871 5.36 -31.65 21.19
CA GLY A 871 4.40 -30.59 20.96
C GLY A 871 4.77 -29.84 19.70
N ALA A 872 4.01 -28.77 19.41
CA ALA A 872 4.22 -27.97 18.20
C ALA A 872 5.32 -26.95 18.39
N VAL A 873 6.38 -27.01 17.60
CA VAL A 873 7.38 -25.95 17.68
C VAL A 873 6.85 -24.65 17.05
N TYR A 874 6.35 -23.75 17.91
CA TYR A 874 5.64 -22.57 17.44
C TYR A 874 6.53 -21.50 16.92
N SER A 875 7.47 -21.08 17.73
CA SER A 875 8.42 -20.15 17.22
C SER A 875 9.75 -20.61 17.78
N MET A 876 10.84 -20.12 17.22
CA MET A 876 12.17 -20.39 17.76
C MET A 876 13.12 -19.32 17.28
N VAL A 877 13.64 -18.50 18.16
CA VAL A 877 14.62 -17.59 17.67
C VAL A 877 15.92 -18.31 17.99
N GLU A 878 16.98 -17.94 17.29
CA GLU A 878 18.35 -18.27 17.66
C GLU A 878 18.73 -17.40 18.87
N PHE A 879 19.12 -18.02 19.98
CA PHE A 879 19.44 -17.22 21.17
C PHE A 879 20.86 -16.69 21.15
N ASN A 880 21.77 -17.47 21.75
CA ASN A 880 23.11 -16.97 22.02
C ASN A 880 24.15 -18.03 21.66
N GLY A 881 24.18 -18.41 20.38
CA GLY A 881 24.95 -19.57 19.94
C GLY A 881 24.17 -20.84 20.23
N LYS A 882 23.11 -20.70 21.01
CA LYS A 882 22.21 -21.81 21.24
C LYS A 882 20.91 -21.56 20.45
N LEU A 883 19.95 -22.48 20.56
CA LEU A 883 18.69 -22.46 19.84
C LEU A 883 17.52 -22.50 20.83
N LEU A 884 16.88 -21.34 20.97
CA LEU A 884 15.69 -21.18 21.80
C LEU A 884 14.45 -21.45 20.97
N ALA A 885 13.51 -22.16 21.55
CA ALA A 885 12.43 -22.73 20.77
C ALA A 885 11.21 -22.97 21.62
N SER A 886 10.05 -22.53 21.16
CA SER A 886 8.84 -22.73 21.94
C SER A 886 8.20 -24.01 21.45
N ILE A 887 7.98 -24.95 22.38
CA ILE A 887 7.40 -26.24 22.03
C ILE A 887 6.04 -26.51 22.66
N ASN A 888 5.06 -25.71 22.36
CA ASN A 888 3.70 -25.87 22.86
C ASN A 888 3.59 -25.77 24.34
N SER A 889 3.40 -24.55 24.85
CA SER A 889 3.25 -24.34 26.28
C SER A 889 4.58 -24.29 27.04
N THR A 890 5.59 -24.98 26.51
CA THR A 890 6.89 -25.01 27.16
C THR A 890 8.03 -24.53 26.25
N VAL A 891 8.71 -23.47 26.68
CA VAL A 891 9.82 -22.92 25.93
C VAL A 891 11.08 -23.63 26.40
N ARG A 892 11.91 -24.06 25.45
CA ARG A 892 13.09 -24.78 25.80
C ARG A 892 14.26 -24.16 25.17
N LEU A 893 15.44 -24.52 25.62
CA LEU A 893 16.64 -23.98 25.06
C LEU A 893 17.59 -25.09 24.68
N TYR A 894 17.81 -25.30 23.39
CA TYR A 894 18.68 -26.37 22.89
C TYR A 894 20.10 -25.94 22.56
N GLU A 895 21.04 -26.77 22.95
CA GLU A 895 22.44 -26.55 22.66
C GLU A 895 22.88 -27.48 21.56
N TRP A 896 23.97 -27.08 20.94
CA TRP A 896 24.54 -27.77 19.80
C TRP A 896 25.84 -28.41 20.27
N THR A 897 25.82 -29.73 20.40
CA THR A 897 27.04 -30.46 20.63
C THR A 897 28.07 -30.11 19.55
N THR A 898 29.34 -30.22 19.93
CA THR A 898 30.43 -30.36 18.98
C THR A 898 30.07 -31.48 18.03
N GLU A 899 29.65 -32.59 18.62
CA GLU A 899 29.19 -33.77 17.88
C GLU A 899 27.85 -33.54 17.16
N LYS A 900 27.59 -32.27 16.80
CA LYS A 900 26.48 -31.81 15.92
C LYS A 900 25.06 -32.32 16.24
N ASP A 901 24.59 -32.07 17.46
CA ASP A 901 23.22 -32.45 17.82
C ASP A 901 22.48 -31.44 18.72
N VAL A 902 21.16 -31.29 18.56
CA VAL A 902 20.43 -30.35 19.44
C VAL A 902 20.05 -31.03 20.75
N ARG A 903 20.75 -30.65 21.83
CA ARG A 903 20.40 -31.17 23.17
C ARG A 903 20.15 -30.12 24.30
N THR A 904 19.13 -30.44 25.11
CA THR A 904 18.52 -29.53 26.09
C THR A 904 19.47 -28.97 27.16
N GLU A 905 19.14 -27.80 27.68
CA GLU A 905 19.78 -27.30 28.88
C GLU A 905 18.70 -26.94 29.88
N CYS A 906 17.79 -26.06 29.46
CA CYS A 906 16.69 -25.62 30.33
C CYS A 906 15.37 -25.42 29.63
N ASN A 907 14.32 -25.45 30.44
CA ASN A 907 12.99 -25.05 30.04
C ASN A 907 12.20 -24.27 31.11
N HIS A 908 11.20 -23.54 30.62
CA HIS A 908 10.27 -22.78 31.39
C HIS A 908 8.89 -23.25 30.97
N TYR A 909 7.95 -23.33 31.91
CA TYR A 909 6.64 -23.96 31.68
C TYR A 909 5.44 -23.09 31.96
N ASN A 910 5.69 -21.89 32.46
CA ASN A 910 4.64 -20.94 32.84
C ASN A 910 3.95 -20.28 31.61
N ASN A 911 3.50 -21.11 30.66
CA ASN A 911 3.04 -20.61 29.37
C ASN A 911 1.82 -21.31 28.92
N ILE A 912 0.75 -20.58 28.79
CA ILE A 912 -0.46 -21.17 28.30
C ILE A 912 -0.23 -21.71 26.86
N MET A 913 0.30 -20.87 25.96
CA MET A 913 0.81 -21.29 24.65
C MET A 913 1.78 -20.24 24.10
N ALA A 914 3.07 -20.50 24.26
CA ALA A 914 4.15 -19.62 23.76
C ALA A 914 4.17 -19.51 22.22
N LEU A 915 3.67 -18.41 21.67
CA LEU A 915 3.53 -18.37 20.23
C LEU A 915 4.65 -17.58 19.61
N TYR A 916 5.25 -16.74 20.42
CA TYR A 916 6.17 -15.77 19.91
C TYR A 916 7.26 -15.55 20.95
N LEU A 917 8.49 -15.43 20.50
CA LEU A 917 9.58 -15.18 21.40
C LEU A 917 10.40 -14.19 20.63
N LYS A 918 11.21 -13.42 21.33
CA LYS A 918 12.14 -12.53 20.69
C LYS A 918 13.23 -12.33 21.73
N THR A 919 14.38 -11.82 21.30
CA THR A 919 15.57 -11.89 22.10
C THR A 919 16.32 -10.62 22.00
N LYS A 920 16.48 -9.93 23.11
CA LYS A 920 17.29 -8.76 23.07
C LYS A 920 18.65 -9.32 23.46
N GLY A 921 19.57 -9.30 22.49
CA GLY A 921 20.92 -9.86 22.63
C GLY A 921 21.18 -10.57 23.94
N ASP A 922 20.99 -9.82 25.03
CA ASP A 922 21.11 -10.34 26.38
C ASP A 922 20.23 -11.56 26.59
N PHE A 923 20.45 -12.22 27.72
CA PHE A 923 19.80 -13.46 28.04
C PHE A 923 18.34 -13.19 28.41
N ILE A 924 17.66 -12.42 27.55
CA ILE A 924 16.29 -11.97 27.81
C ILE A 924 15.33 -12.41 26.67
N LEU A 925 14.19 -13.00 27.04
CA LEU A 925 13.15 -13.48 26.10
C LEU A 925 11.76 -13.00 26.52
N VAL A 926 10.72 -13.29 25.72
CA VAL A 926 9.40 -12.64 25.85
C VAL A 926 8.33 -13.32 25.04
N GLY A 927 7.15 -13.71 25.60
CA GLY A 927 5.89 -13.95 24.79
C GLY A 927 4.61 -14.56 25.41
N ASP A 928 3.53 -14.82 24.58
CA ASP A 928 2.37 -15.78 24.89
C ASP A 928 1.05 -15.66 24.08
N LEU A 929 0.18 -16.67 24.15
CA LEU A 929 -1.08 -16.75 23.35
C LEU A 929 -2.28 -16.02 23.91
N MET A 930 -2.77 -16.43 25.06
CA MET A 930 -4.00 -15.78 25.50
C MET A 930 -3.79 -14.96 26.77
N ARG A 931 -2.57 -14.90 27.25
CA ARG A 931 -2.29 -14.18 28.45
C ARG A 931 -1.07 -13.50 28.12
N SER A 932 -1.22 -12.42 27.37
CA SER A 932 -0.20 -11.54 26.83
C SER A 932 1.14 -11.12 27.45
N VAL A 933 2.20 -11.79 26.98
CA VAL A 933 3.61 -11.49 27.35
C VAL A 933 4.44 -11.52 28.64
N LEU A 934 5.28 -12.52 28.68
CA LEU A 934 6.19 -12.75 29.81
C LEU A 934 7.56 -12.27 29.38
N LEU A 935 8.41 -11.99 30.37
CA LEU A 935 9.78 -11.57 30.16
C LEU A 935 10.60 -12.57 30.93
N LEU A 936 11.72 -12.96 30.37
CA LEU A 936 12.47 -14.00 31.00
C LEU A 936 13.95 -13.80 30.74
N ALA A 937 14.76 -14.17 31.72
CA ALA A 937 16.18 -14.16 31.51
C ALA A 937 16.73 -15.57 31.48
N TYR A 938 17.94 -15.66 30.98
CA TYR A 938 18.66 -16.88 31.04
C TYR A 938 19.86 -16.65 31.93
N LYS A 939 20.12 -17.64 32.77
CA LYS A 939 21.03 -17.51 33.88
C LYS A 939 22.27 -18.39 33.70
N PRO A 940 23.41 -17.78 33.29
CA PRO A 940 24.73 -18.44 33.36
C PRO A 940 25.07 -18.76 34.84
N MET A 941 24.06 -19.33 35.47
CA MET A 941 24.08 -19.69 36.84
C MET A 941 23.87 -21.14 36.56
N GLU A 942 22.88 -21.76 37.19
CA GLU A 942 22.49 -23.12 36.83
C GLU A 942 21.93 -23.13 35.39
N GLY A 943 22.62 -22.39 34.51
CA GLY A 943 22.26 -22.28 33.11
C GLY A 943 20.77 -22.38 32.98
N ASN A 944 20.05 -21.44 33.61
CA ASN A 944 18.61 -21.61 33.80
C ASN A 944 17.74 -20.40 33.42
N PHE A 945 16.43 -20.61 33.49
CA PHE A 945 15.51 -19.55 33.21
C PHE A 945 14.90 -19.03 34.48
N GLU A 946 15.10 -17.73 34.68
CA GLU A 946 14.43 -16.98 35.70
C GLU A 946 13.38 -16.10 35.05
N GLU A 947 12.11 -16.34 35.38
CA GLU A 947 10.97 -15.50 34.90
C GLU A 947 11.00 -14.15 35.62
N ILE A 948 11.59 -13.14 34.97
CA ILE A 948 11.69 -11.80 35.55
C ILE A 948 10.35 -11.10 35.78
N ALA A 949 9.41 -11.24 34.86
CA ALA A 949 8.14 -10.51 34.96
C ALA A 949 7.15 -10.91 33.87
N ARG A 950 5.87 -10.91 34.19
CA ARG A 950 4.85 -10.98 33.15
C ARG A 950 3.95 -9.76 33.15
N ASP A 951 2.80 -9.90 32.49
CA ASP A 951 1.82 -8.87 32.41
C ASP A 951 0.51 -9.57 32.58
N PHE A 952 -0.25 -9.09 33.53
CA PHE A 952 -1.34 -9.88 34.03
C PHE A 952 -2.65 -9.47 33.35
N ASN A 953 -2.51 -8.90 32.14
CA ASN A 953 -3.72 -8.67 31.31
C ASN A 953 -4.06 -9.85 30.38
N PRO A 954 -5.35 -9.96 29.96
CA PRO A 954 -5.77 -11.16 29.22
C PRO A 954 -5.71 -10.96 27.72
N ASN A 955 -4.57 -10.45 27.25
CA ASN A 955 -4.33 -10.15 25.81
C ASN A 955 -4.09 -11.35 24.89
N TRP A 956 -5.00 -11.61 23.96
CA TRP A 956 -4.73 -12.64 22.95
C TRP A 956 -3.75 -12.11 21.87
N MET A 957 -2.46 -12.35 22.07
CA MET A 957 -1.39 -11.85 21.24
C MET A 957 -1.35 -12.39 19.82
N SER A 958 -0.77 -11.59 18.94
CA SER A 958 -0.56 -11.99 17.55
C SER A 958 0.88 -11.73 17.12
N ALA A 959 1.49 -10.71 17.72
CA ALA A 959 2.84 -10.35 17.44
C ALA A 959 3.47 -9.73 18.66
N VAL A 960 4.79 -9.62 18.69
CA VAL A 960 5.51 -9.31 19.92
C VAL A 960 6.92 -8.91 19.55
N GLU A 961 7.39 -7.79 20.06
CA GLU A 961 8.74 -7.39 19.71
C GLU A 961 9.43 -6.75 20.90
N ILE A 962 10.74 -6.83 20.95
CA ILE A 962 11.46 -6.10 21.94
C ILE A 962 11.91 -4.80 21.28
N LEU A 963 11.56 -3.64 21.86
CA LEU A 963 12.12 -2.38 21.35
C LEU A 963 13.43 -1.98 22.05
N ASP A 964 13.48 -2.15 23.36
CA ASP A 964 14.73 -1.98 24.09
C ASP A 964 14.68 -2.80 25.36
N ASP A 965 15.73 -2.68 26.18
CA ASP A 965 15.92 -3.53 27.36
C ASP A 965 14.75 -3.45 28.33
N ASP A 966 13.95 -2.41 28.19
CA ASP A 966 12.82 -2.18 29.09
C ASP A 966 11.49 -2.26 28.34
N ASN A 967 11.47 -1.82 27.08
CA ASN A 967 10.20 -1.71 26.34
C ASN A 967 9.80 -2.87 25.48
N PHE A 968 8.61 -3.37 25.76
CA PHE A 968 8.06 -4.51 25.04
C PHE A 968 6.74 -4.24 24.31
N LEU A 969 6.79 -4.26 22.97
CA LEU A 969 5.64 -4.01 22.12
C LEU A 969 4.91 -5.29 21.88
N GLY A 970 3.61 -5.18 21.82
CA GLY A 970 2.77 -6.32 21.55
C GLY A 970 1.66 -5.77 20.68
N ALA A 971 1.17 -6.63 19.78
CA ALA A 971 -0.02 -6.41 18.99
C ALA A 971 -1.03 -7.44 19.44
N GLU A 972 -2.29 -7.27 19.34
CA GLU A 972 -3.01 -8.40 19.82
C GLU A 972 -4.19 -8.78 19.03
N ASN A 973 -5.39 -8.56 19.45
CA ASN A 973 -6.33 -9.04 18.53
C ASN A 973 -7.53 -8.31 18.23
N ALA A 974 -7.62 -7.19 18.89
CA ALA A 974 -8.72 -6.35 18.71
C ALA A 974 -8.14 -5.35 17.83
N PHE A 975 -6.86 -5.52 17.50
CA PHE A 975 -6.15 -4.64 16.62
C PHE A 975 -5.56 -3.57 17.44
N ASN A 976 -5.16 -3.96 18.61
CA ASN A 976 -4.64 -2.96 19.54
C ASN A 976 -3.15 -3.17 19.74
N LEU A 977 -2.41 -2.11 19.85
CA LEU A 977 -1.02 -2.19 20.25
C LEU A 977 -0.94 -1.83 21.71
N PHE A 978 0.15 -2.27 22.35
CA PHE A 978 0.42 -1.90 23.74
C PHE A 978 1.86 -2.10 24.09
N VAL A 979 2.36 -1.24 24.94
CA VAL A 979 3.72 -1.39 25.30
C VAL A 979 3.77 -1.79 26.77
N CYS A 980 4.77 -2.56 27.13
CA CYS A 980 4.98 -2.98 28.49
C CYS A 980 6.35 -2.59 28.90
N GLN A 981 6.51 -2.24 30.17
CA GLN A 981 7.85 -2.15 30.74
C GLN A 981 7.92 -2.58 32.20
N LYS A 982 9.16 -2.80 32.65
CA LYS A 982 9.42 -3.23 34.01
C LYS A 982 9.24 -2.07 34.98
N ASP A 983 8.57 -2.36 36.10
CA ASP A 983 8.19 -1.36 37.07
C ASP A 983 9.33 -1.04 38.02
N SER A 984 9.94 0.14 37.85
CA SER A 984 10.94 0.64 38.81
C SER A 984 10.26 0.95 40.16
N ALA A 985 10.22 -0.07 41.03
CA ALA A 985 9.40 -0.02 42.24
C ALA A 985 9.98 -0.71 43.49
N ALA A 986 9.85 -0.01 44.60
CA ALA A 986 10.09 -0.54 45.93
C ALA A 986 9.32 -1.84 46.09
N THR A 987 9.70 -2.64 47.09
CA THR A 987 9.03 -3.92 47.37
C THR A 987 9.28 -4.94 46.24
N THR A 988 10.55 -4.99 45.84
CA THR A 988 11.00 -5.47 44.51
C THR A 988 10.90 -6.98 44.25
N ASP A 989 9.80 -7.59 44.68
CA ASP A 989 9.53 -8.99 44.41
C ASP A 989 8.05 -9.21 44.11
N GLU A 990 7.41 -8.15 43.62
CA GLU A 990 5.98 -8.15 43.39
C GLU A 990 5.72 -7.10 42.31
N GLU A 991 5.76 -5.83 42.70
CA GLU A 991 5.70 -4.75 41.74
C GLU A 991 6.77 -5.00 40.68
N ARG A 992 7.81 -5.73 41.07
CA ARG A 992 8.88 -6.18 40.18
C ARG A 992 8.39 -7.24 39.20
N GLN A 993 7.71 -8.24 39.75
CA GLN A 993 7.24 -9.40 39.03
C GLN A 993 6.16 -9.04 38.01
N HIS A 994 5.69 -7.78 38.07
CA HIS A 994 4.56 -7.33 37.25
C HIS A 994 5.00 -6.15 36.38
N LEU A 995 4.91 -6.31 35.06
CA LEU A 995 5.21 -5.18 34.16
C LEU A 995 3.96 -4.48 33.71
N GLN A 996 4.04 -3.17 33.55
CA GLN A 996 2.85 -2.40 33.33
C GLN A 996 2.70 -1.96 31.88
N GLU A 997 1.51 -2.23 31.32
CA GLU A 997 1.07 -1.65 30.05
C GLU A 997 1.13 -0.14 30.12
N VAL A 998 2.20 0.44 29.58
CA VAL A 998 2.39 1.88 29.70
C VAL A 998 2.26 2.60 28.39
N GLY A 999 1.61 1.94 27.45
CA GLY A 999 1.32 2.53 26.14
C GLY A 999 0.20 1.72 25.58
N LEU A 1000 -0.88 2.37 25.17
CA LEU A 1000 -1.99 1.65 24.57
C LEU A 1000 -2.39 2.40 23.35
N PHE A 1001 -3.16 1.75 22.47
CA PHE A 1001 -3.42 2.30 21.16
C PHE A 1001 -4.23 1.37 20.32
N HIS A 1002 -5.24 1.90 19.67
CA HIS A 1002 -5.96 1.06 18.73
C HIS A 1002 -5.50 1.36 17.32
N LEU A 1003 -4.80 0.38 16.73
CA LEU A 1003 -4.12 0.49 15.42
C LEU A 1003 -5.04 0.43 14.26
N GLY A 1004 -5.96 -0.54 14.28
CA GLY A 1004 -6.98 -0.68 13.27
C GLY A 1004 -6.61 -1.83 12.39
N GLU A 1005 -5.55 -2.52 12.75
CA GLU A 1005 -5.00 -3.59 11.94
C GLU A 1005 -4.50 -4.82 12.74
N PHE A 1006 -4.49 -5.99 12.13
CA PHE A 1006 -3.96 -7.19 12.73
C PHE A 1006 -2.48 -7.37 12.40
N VAL A 1007 -1.60 -7.22 13.34
CA VAL A 1007 -0.17 -7.32 13.07
C VAL A 1007 0.34 -8.76 13.17
N ASN A 1008 0.71 -9.35 12.04
CA ASN A 1008 1.41 -10.66 12.06
C ASN A 1008 2.91 -10.64 12.49
N VAL A 1009 3.66 -9.61 12.14
CA VAL A 1009 5.09 -9.69 12.27
C VAL A 1009 5.71 -8.35 12.69
N PHE A 1010 6.61 -8.35 13.65
CA PHE A 1010 7.37 -7.15 13.80
C PHE A 1010 8.77 -7.49 13.34
N CYS A 1011 9.50 -6.50 12.86
CA CYS A 1011 10.94 -6.66 12.79
C CYS A 1011 11.66 -5.36 12.76
N HIS A 1012 12.81 -5.39 13.39
CA HIS A 1012 13.77 -4.32 13.27
C HIS A 1012 14.31 -4.32 11.87
N GLY A 1013 14.30 -3.15 11.27
CA GLY A 1013 14.68 -2.95 9.89
C GLY A 1013 14.25 -1.53 9.59
N SER A 1014 14.59 -1.04 8.41
CA SER A 1014 14.03 0.20 7.90
C SER A 1014 14.11 0.22 6.38
N LEU A 1015 13.19 0.93 5.76
CA LEU A 1015 13.13 0.95 4.33
C LEU A 1015 14.05 1.98 3.66
N VAL A 1016 14.70 2.79 4.50
CA VAL A 1016 15.26 4.10 4.12
C VAL A 1016 16.76 4.24 4.32
N MET A 1017 17.20 5.48 4.40
CA MET A 1017 18.61 5.84 4.65
C MET A 1017 19.55 5.22 3.62
N GLN A 1018 20.85 5.41 3.83
CA GLN A 1018 21.90 5.10 2.85
C GLN A 1018 21.68 3.79 2.10
N PRO A 1026 15.66 12.77 16.40
CA PRO A 1026 14.20 12.91 16.23
C PRO A 1026 13.45 11.68 16.75
N THR A 1027 13.72 10.51 16.14
CA THR A 1027 13.20 9.20 16.59
C THR A 1027 14.33 8.22 16.93
N GLN A 1028 13.99 7.13 17.61
CA GLN A 1028 14.97 6.18 18.12
C GLN A 1028 14.45 4.75 17.86
N GLY A 1029 15.25 3.92 17.18
CA GLY A 1029 14.79 2.59 16.78
C GLY A 1029 13.88 2.70 15.58
N SER A 1030 13.65 1.58 14.92
CA SER A 1030 12.70 1.49 13.81
C SER A 1030 12.18 0.05 13.65
N VAL A 1031 10.96 -0.19 14.13
CA VAL A 1031 10.38 -1.51 14.01
C VAL A 1031 9.31 -1.50 12.96
N LEU A 1032 9.44 -2.38 11.96
CA LEU A 1032 8.47 -2.43 10.88
C LEU A 1032 7.37 -3.43 11.23
N PHE A 1033 6.20 -3.27 10.65
CA PHE A 1033 5.19 -4.30 10.81
C PHE A 1033 4.37 -4.56 9.58
N GLY A 1034 3.90 -5.81 9.45
CA GLY A 1034 3.10 -6.22 8.33
C GLY A 1034 1.81 -6.73 8.90
N THR A 1035 0.74 -6.32 8.24
CA THR A 1035 -0.59 -6.59 8.71
C THR A 1035 -1.34 -7.56 7.80
N VAL A 1036 -2.34 -8.22 8.34
CA VAL A 1036 -3.29 -8.94 7.54
C VAL A 1036 -3.85 -8.16 6.35
N ASN A 1037 -3.79 -6.84 6.37
CA ASN A 1037 -4.43 -6.06 5.32
C ASN A 1037 -3.46 -5.58 4.27
N GLY A 1038 -2.18 -5.78 4.56
CA GLY A 1038 -1.16 -5.38 3.64
C GLY A 1038 -0.70 -4.03 4.01
N MET A 1039 -1.18 -3.53 5.14
CA MET A 1039 -0.62 -2.30 5.64
C MET A 1039 0.75 -2.68 6.17
N ILE A 1040 1.71 -1.84 5.88
CA ILE A 1040 2.96 -1.86 6.58
C ILE A 1040 2.99 -0.63 7.44
N GLY A 1041 3.14 -0.83 8.74
CA GLY A 1041 3.37 0.27 9.62
C GLY A 1041 4.84 0.33 9.94
N LEU A 1042 5.15 1.19 10.91
CA LEU A 1042 6.49 1.43 11.43
C LEU A 1042 6.33 1.98 12.84
N VAL A 1043 7.06 1.49 13.81
CA VAL A 1043 6.94 2.03 15.16
C VAL A 1043 8.31 2.49 15.65
N THR A 1044 8.36 3.71 16.14
CA THR A 1044 9.59 4.26 16.65
C THR A 1044 9.33 4.74 18.04
N SER A 1045 10.43 4.95 18.77
CA SER A 1045 10.37 5.48 20.12
C SER A 1045 10.76 6.96 20.16
N LEU A 1046 10.43 7.59 21.28
CA LEU A 1046 10.38 9.04 21.37
C LEU A 1046 10.98 9.56 22.66
N SER A 1047 11.60 10.74 22.57
CA SER A 1047 11.90 11.58 23.71
C SER A 1047 10.58 12.08 24.34
N GLU A 1048 10.53 12.18 25.66
CA GLU A 1048 9.33 12.74 26.35
C GLU A 1048 8.91 14.08 25.72
N SER A 1049 9.89 14.85 25.26
CA SER A 1049 9.63 16.21 24.75
C SER A 1049 8.99 16.23 23.37
N TRP A 1050 9.48 15.38 22.48
CA TRP A 1050 8.83 15.18 21.20
C TRP A 1050 7.47 14.60 21.46
N TYR A 1051 7.40 13.63 22.36
CA TYR A 1051 6.12 13.09 22.73
C TYR A 1051 5.18 14.26 22.97
N ASN A 1052 5.54 15.12 23.92
CA ASN A 1052 4.67 16.22 24.34
C ASN A 1052 4.39 17.22 23.24
N LEU A 1053 5.44 17.70 22.60
CA LEU A 1053 5.23 18.49 21.42
C LEU A 1053 4.08 17.84 20.62
N LEU A 1054 4.24 16.56 20.34
CA LEU A 1054 3.39 15.85 19.41
C LEU A 1054 2.03 15.48 20.00
N LEU A 1055 2.05 15.04 21.25
CA LEU A 1055 0.85 14.73 21.97
C LEU A 1055 -0.01 15.98 21.96
N ASP A 1056 0.58 17.13 22.29
CA ASP A 1056 -0.20 18.33 22.31
C ASP A 1056 -0.72 18.58 20.91
N MET A 1057 0.21 18.64 19.97
CA MET A 1057 -0.12 18.82 18.57
C MET A 1057 -1.25 17.88 18.08
N GLN A 1058 -1.29 16.66 18.60
CA GLN A 1058 -2.37 15.76 18.25
C GLN A 1058 -3.71 16.35 18.60
N ASN A 1059 -3.81 16.96 19.78
CA ASN A 1059 -5.07 17.56 20.26
C ASN A 1059 -5.46 18.82 19.48
N ARG A 1060 -4.49 19.69 19.29
CA ARG A 1060 -4.68 20.87 18.48
C ARG A 1060 -5.21 20.44 17.12
N LEU A 1061 -4.49 19.52 16.47
CA LEU A 1061 -4.85 19.03 15.12
C LEU A 1061 -6.26 18.51 14.96
N ASN A 1062 -6.83 17.96 16.02
CA ASN A 1062 -8.16 17.38 15.96
C ASN A 1062 -9.35 18.34 16.11
N LYS A 1063 -9.16 19.44 16.84
CA LYS A 1063 -10.14 20.52 16.84
C LYS A 1063 -10.25 21.10 15.41
N VAL A 1064 -9.16 21.02 14.66
CA VAL A 1064 -9.04 21.67 13.38
C VAL A 1064 -9.43 20.86 12.15
N ILE A 1065 -9.12 19.57 12.14
CA ILE A 1065 -9.49 18.65 11.04
C ILE A 1065 -10.94 18.15 11.11
N LYS A 1066 -11.61 18.28 9.97
CA LYS A 1066 -12.94 17.72 9.75
C LYS A 1066 -12.87 16.19 9.49
N SER A 1067 -13.04 15.41 10.56
CA SER A 1067 -12.91 13.96 10.49
C SER A 1067 -14.11 13.43 9.75
N VAL A 1068 -13.85 12.66 8.68
CA VAL A 1068 -14.86 12.47 7.66
C VAL A 1068 -16.22 12.36 8.27
N GLY A 1069 -16.57 11.20 8.81
CA GLY A 1069 -17.92 10.99 9.31
C GLY A 1069 -18.07 11.53 10.71
N LYS A 1070 -17.36 12.60 11.04
CA LYS A 1070 -17.45 13.26 12.33
C LYS A 1070 -17.15 12.28 13.42
N ILE A 1071 -16.04 11.56 13.30
CA ILE A 1071 -15.60 10.58 14.30
C ILE A 1071 -14.48 11.18 15.14
N GLU A 1072 -14.62 11.06 16.45
CA GLU A 1072 -13.58 11.52 17.32
C GLU A 1072 -12.36 10.62 17.06
N HIS A 1073 -11.29 11.25 16.59
CA HIS A 1073 -10.03 10.59 16.49
C HIS A 1073 -9.58 9.83 17.76
N SER A 1074 -9.83 10.44 18.91
CA SER A 1074 -9.27 9.96 20.17
C SER A 1074 -10.08 8.75 20.56
N PHE A 1075 -11.33 8.76 20.11
CA PHE A 1075 -12.24 7.66 20.29
C PHE A 1075 -11.81 6.44 19.44
N TRP A 1076 -11.46 6.74 18.19
CA TRP A 1076 -10.89 5.82 17.25
C TRP A 1076 -9.63 5.16 17.76
N ARG A 1077 -8.69 5.92 18.34
CA ARG A 1077 -7.37 5.36 18.67
C ARG A 1077 -7.37 4.75 20.02
N SER A 1078 -8.56 4.51 20.55
CA SER A 1078 -8.71 4.11 21.92
C SER A 1078 -8.52 2.63 22.06
N PHE A 1079 -7.49 2.22 22.77
CA PHE A 1079 -7.36 0.78 23.06
C PHE A 1079 -8.73 0.25 23.47
N HIS A 1080 -9.18 -0.79 22.76
CA HIS A 1080 -10.53 -1.32 22.93
C HIS A 1080 -10.72 -2.83 22.58
N THR A 1081 -11.09 -3.62 23.58
CA THR A 1081 -11.52 -4.99 23.38
C THR A 1081 -13.02 -5.01 23.70
N GLU A 1082 -13.69 -6.10 23.36
CA GLU A 1082 -15.08 -6.26 23.73
C GLU A 1082 -15.12 -6.66 25.19
N ARG A 1083 -14.61 -5.74 26.04
CA ARG A 1083 -14.51 -5.93 27.50
C ARG A 1083 -13.66 -4.85 28.19
N LYS A 1084 -13.35 -3.76 27.50
CA LYS A 1084 -12.52 -2.72 28.10
C LYS A 1084 -12.29 -1.61 27.06
N THR A 1085 -12.35 -0.35 27.50
CA THR A 1085 -12.01 0.73 26.60
C THR A 1085 -11.26 1.85 27.29
N GLU A 1086 -9.99 2.00 26.95
CA GLU A 1086 -9.15 3.02 27.53
C GLU A 1086 -8.69 3.90 26.38
N PRO A 1087 -8.42 5.18 26.65
CA PRO A 1087 -7.79 6.09 25.66
C PRO A 1087 -6.32 5.72 25.42
N ALA A 1088 -5.77 6.18 24.30
CA ALA A 1088 -4.42 5.74 23.90
C ALA A 1088 -3.44 6.45 24.74
N THR A 1089 -2.35 5.81 25.09
CA THR A 1089 -1.29 6.52 25.82
C THR A 1089 0.04 6.13 25.20
N GLY A 1090 1.04 6.98 25.31
CA GLY A 1090 2.33 6.59 24.79
C GLY A 1090 2.40 6.33 23.30
N PHE A 1091 1.38 6.75 22.55
CA PHE A 1091 1.42 6.58 21.11
C PHE A 1091 0.96 7.79 20.30
N ILE A 1092 1.59 8.01 19.15
CA ILE A 1092 1.18 9.01 18.21
C ILE A 1092 1.00 8.43 16.81
N ASP A 1093 -0.11 8.70 16.13
CA ASP A 1093 -0.04 8.41 14.69
C ASP A 1093 0.59 9.56 14.01
N GLY A 1094 1.81 9.30 13.57
CA GLY A 1094 2.39 10.11 12.55
C GLY A 1094 1.37 10.31 11.46
N ASP A 1095 0.42 9.40 11.34
CA ASP A 1095 -0.57 9.50 10.28
C ASP A 1095 -1.42 10.72 10.55
N LEU A 1096 -1.68 10.94 11.82
CA LEU A 1096 -2.32 12.15 12.24
C LEU A 1096 -1.36 13.28 12.10
N ILE A 1097 -0.23 13.19 12.80
CA ILE A 1097 0.77 14.21 12.70
C ILE A 1097 0.88 14.66 11.26
N GLU A 1098 1.15 13.75 10.36
CA GLU A 1098 1.33 14.10 8.95
C GLU A 1098 0.10 14.76 8.33
N SER A 1099 -1.10 14.46 8.85
CA SER A 1099 -2.31 15.19 8.43
C SER A 1099 -2.00 16.69 8.34
N PHE A 1100 -1.15 17.16 9.24
CA PHE A 1100 -0.74 18.54 9.27
C PHE A 1100 -0.50 19.09 7.86
N LEU A 1101 0.60 18.69 7.24
CA LEU A 1101 1.01 19.21 5.93
C LEU A 1101 -0.10 19.36 4.87
N ASP A 1102 -1.08 18.47 4.84
CA ASP A 1102 -2.17 18.59 3.89
C ASP A 1102 -3.14 19.67 4.34
N ILE A 1103 -2.65 20.61 5.12
CA ILE A 1103 -3.49 21.63 5.70
C ILE A 1103 -3.15 23.02 5.15
N SER A 1104 -4.20 23.79 4.90
CA SER A 1104 -4.11 25.20 4.56
C SER A 1104 -3.41 25.99 5.67
N ARG A 1105 -2.64 27.00 5.30
CA ARG A 1105 -1.92 27.81 6.29
C ARG A 1105 -2.82 28.44 7.37
N PRO A 1106 -4.04 28.91 7.02
CA PRO A 1106 -4.93 29.43 8.05
C PRO A 1106 -5.19 28.42 9.16
N LYS A 1107 -5.56 27.20 8.77
CA LYS A 1107 -5.90 26.12 9.70
C LYS A 1107 -4.68 25.72 10.49
N MET A 1108 -3.54 25.98 9.88
CA MET A 1108 -2.25 25.61 10.42
C MET A 1108 -1.80 26.59 11.49
N GLN A 1109 -1.94 27.89 11.20
CA GLN A 1109 -1.60 28.96 12.15
C GLN A 1109 -2.39 28.81 13.45
N GLU A 1110 -3.68 28.53 13.29
CA GLU A 1110 -4.57 28.13 14.40
C GLU A 1110 -3.98 27.09 15.33
N VAL A 1111 -3.27 26.13 14.75
CA VAL A 1111 -2.72 25.01 15.50
C VAL A 1111 -1.67 25.50 16.48
N VAL A 1112 -1.10 26.67 16.23
CA VAL A 1112 -0.24 27.26 17.23
C VAL A 1112 -0.86 28.48 17.94
N ALA A 1113 -1.11 28.30 19.23
CA ALA A 1113 -1.57 29.37 20.09
C ALA A 1113 -0.53 29.49 21.19
N ASN A 1114 0.27 28.44 21.32
CA ASN A 1114 1.57 28.43 22.05
C ASN A 1114 2.29 27.07 21.89
N ARG A 1125 12.89 26.77 25.11
CA ARG A 1125 11.62 26.34 24.50
C ARG A 1125 10.82 27.50 23.87
N GLU A 1126 9.99 27.17 22.88
CA GLU A 1126 9.16 28.14 22.16
C GLU A 1126 7.94 27.51 21.47
N ALA A 1127 7.24 28.32 20.68
CA ALA A 1127 6.13 27.86 19.84
C ALA A 1127 6.01 28.78 18.64
N THR A 1128 6.13 28.22 17.44
CA THR A 1128 6.27 29.06 16.26
C THR A 1128 5.02 29.13 15.42
N ALA A 1129 5.07 28.58 14.21
CA ALA A 1129 4.04 28.78 13.20
C ALA A 1129 4.28 27.88 11.98
N ASP A 1130 5.54 27.51 11.78
CA ASP A 1130 5.99 26.74 10.62
C ASP A 1130 7.41 26.22 10.85
N ASP A 1131 7.89 26.40 12.09
CA ASP A 1131 9.05 25.68 12.54
C ASP A 1131 8.64 24.21 12.53
N LEU A 1132 7.32 23.99 12.60
CA LEU A 1132 6.77 22.63 12.76
C LEU A 1132 6.56 21.95 11.42
N ILE A 1133 6.01 22.71 10.48
CA ILE A 1133 6.02 22.35 9.09
C ILE A 1133 7.36 21.66 8.73
N LYS A 1134 8.43 22.07 9.40
CA LYS A 1134 9.75 21.45 9.25
C LYS A 1134 9.94 20.19 10.14
N VAL A 1135 9.40 20.23 11.35
CA VAL A 1135 9.47 19.08 12.27
C VAL A 1135 8.72 17.89 11.69
N VAL A 1136 7.61 18.19 11.06
CA VAL A 1136 6.76 17.16 10.52
C VAL A 1136 7.37 16.55 9.28
N GLU A 1137 7.92 17.39 8.42
CA GLU A 1137 8.73 16.93 7.33
C GLU A 1137 9.82 16.00 7.82
N GLU A 1138 10.59 16.44 8.81
CA GLU A 1138 11.74 15.65 9.26
C GLU A 1138 11.31 14.21 9.60
N LEU A 1139 10.02 14.01 9.83
CA LEU A 1139 9.52 12.71 10.25
C LEU A 1139 9.10 11.89 9.07
N THR A 1140 8.25 12.46 8.21
CA THR A 1140 7.90 11.81 6.96
C THR A 1140 9.09 11.08 6.39
N ARG A 1141 10.28 11.47 6.79
CA ARG A 1141 11.46 10.84 6.25
C ARG A 1141 11.99 9.62 7.03
N ILE A 1142 11.23 9.07 7.99
CA ILE A 1142 11.64 7.82 8.63
C ILE A 1142 11.21 6.58 7.85
N HIS A 1143 10.37 6.78 6.83
CA HIS A 1143 9.95 5.69 5.98
C HIS A 1143 9.80 6.20 4.56
N HIS B 1 -7.93 -27.20 15.36
CA HIS B 1 -6.81 -26.96 16.30
C HIS B 1 -6.19 -25.58 16.22
N LEU B 2 -5.50 -25.23 17.31
CA LEU B 2 -5.08 -23.88 17.45
C LEU B 2 -4.32 -23.55 16.17
N LEU B 3 -3.43 -24.52 15.76
CA LEU B 3 -2.57 -24.31 14.58
C LEU B 3 -3.43 -23.70 13.47
N TRP B 4 -4.51 -24.40 13.15
CA TRP B 4 -5.30 -23.95 12.02
C TRP B 4 -5.80 -22.58 12.37
N ASP B 5 -6.28 -22.50 13.62
CA ASP B 5 -6.86 -21.27 14.16
C ASP B 5 -5.93 -20.11 14.41
N VAL B 6 -4.66 -20.46 14.65
CA VAL B 6 -3.63 -19.45 14.49
C VAL B 6 -3.39 -19.08 12.98
N ARG B 7 -3.43 -20.05 12.04
CA ARG B 7 -3.30 -19.55 10.64
C ARG B 7 -4.42 -18.58 10.37
N LYS B 8 -5.68 -19.06 10.56
CA LYS B 8 -6.84 -18.42 9.93
C LYS B 8 -6.76 -16.96 10.37
N ARG B 9 -6.32 -16.82 11.59
CA ARG B 9 -6.16 -15.49 12.09
C ARG B 9 -5.06 -14.67 11.42
N SER B 10 -3.84 -15.17 11.39
CA SER B 10 -2.79 -14.42 10.74
C SER B 10 -3.31 -13.98 9.39
N LEU B 11 -4.32 -14.67 8.88
CA LEU B 11 -4.73 -14.27 7.57
C LEU B 11 -6.15 -13.79 7.48
N GLY B 12 -6.65 -13.21 8.59
CA GLY B 12 -7.94 -12.56 8.65
C GLY B 12 -9.10 -13.53 8.50
N LEU B 13 -10.27 -12.98 8.21
CA LEU B 13 -11.52 -13.67 8.76
C LEU B 13 -11.62 -15.30 8.71
#